data_7A4D
#
_entry.id   7A4D
#
_cell.length_a   61.260
_cell.length_b   127.450
_cell.length_c   192.910
_cell.angle_alpha   90.000
_cell.angle_beta   90.000
_cell.angle_gamma   90.000
#
_symmetry.space_group_name_H-M   'P 21 21 21'
#
loop_
_entity.id
_entity.type
_entity.pdbx_description
1 polymer 'Nanobody Nb28'
2 polymer 'Nanobody Nb30'
3 polymer 'APH coiled-coil'
4 non-polymer 1,2-ETHANEDIOL
5 non-polymer GLYCEROL
6 non-polymer 'ACETATE ION'
7 water water
#
loop_
_entity_poly.entity_id
_entity_poly.type
_entity_poly.pdbx_seq_one_letter_code
_entity_poly.pdbx_strand_id
1 'polypeptide(L)'
;QVQLQESGGGLVQPGGSLRLSCAAPGFRLDNYVIGWFRQAPGKEREGVSCISSSAGSTYYADSVKGRFTISRDNAKNTVY
LQMNSLKPEDTAVYYCATACYSSYVTYWGQGTQVTVSSGRYPYDVPDYGSGRA
;
A,B,G,H
2 'polypeptide(L)'
;QVQLQESGGGLVQPGGSLRLSCAASGSIFSDNDMGWYRQPPGKQREWVATITYDHVTWYADSVKGRFAISRDNAKNTVYL
QMNDLKPEDTAVYYCNAVPGRRGSWGQGTQVTVSSGRYPYDVPDYGSGRA
;
C,D,I,J
3 'polypeptide(L)' (ACE)LEEELKQLEEELQAIEEQLAQLQWKAQARKEKLAQLKEKL(NH2) E,F,K,L
#
# COMPACT_ATOMS: atom_id res chain seq x y z
N GLN A 3 3.64 -27.09 -3.38
CA GLN A 3 5.02 -26.71 -3.66
C GLN A 3 5.27 -26.26 -5.12
N LEU A 4 4.39 -25.39 -5.64
CA LEU A 4 4.60 -24.79 -6.95
C LEU A 4 5.72 -23.75 -6.89
N GLN A 5 6.48 -23.65 -7.98
CA GLN A 5 7.56 -22.69 -8.09
C GLN A 5 7.32 -21.76 -9.27
N GLU A 6 7.31 -20.47 -8.98
CA GLU A 6 7.20 -19.43 -9.98
C GLU A 6 8.59 -19.08 -10.48
N SER A 7 8.66 -18.69 -11.75
CA SER A 7 9.91 -18.26 -12.32
C SER A 7 9.60 -17.29 -13.44
N GLY A 8 10.66 -16.71 -13.98
CA GLY A 8 10.51 -15.64 -14.94
C GLY A 8 10.40 -14.36 -14.16
N GLY A 9 10.37 -13.25 -14.85
CA GLY A 9 10.31 -12.05 -14.09
C GLY A 9 11.69 -11.60 -13.65
N GLY A 10 11.76 -10.33 -13.35
CA GLY A 10 13.00 -9.61 -13.24
C GLY A 10 12.69 -8.15 -13.45
N LEU A 11 13.66 -7.46 -14.04
CA LEU A 11 13.52 -6.04 -14.31
C LEU A 11 13.15 -5.80 -15.78
N VAL A 12 12.27 -4.82 -16.03
CA VAL A 12 11.86 -4.50 -17.39
C VAL A 12 11.55 -3.01 -17.46
N GLN A 13 11.73 -2.46 -18.65
CA GLN A 13 11.45 -1.05 -18.85
C GLN A 13 9.94 -0.85 -18.85
N PRO A 14 9.46 0.32 -18.45
CA PRO A 14 8.02 0.58 -18.52
C PRO A 14 7.56 0.45 -19.97
N GLY A 15 6.54 -0.37 -20.19
CA GLY A 15 6.08 -0.68 -21.52
C GLY A 15 6.60 -1.99 -22.06
N GLY A 16 7.51 -2.64 -21.33
CA GLY A 16 8.09 -3.91 -21.72
C GLY A 16 7.22 -5.08 -21.28
N SER A 17 7.79 -6.28 -21.44
CA SER A 17 7.02 -7.50 -21.25
C SER A 17 7.89 -8.58 -20.63
N LEU A 18 7.19 -9.53 -20.00
CA LEU A 18 7.79 -10.66 -19.31
C LEU A 18 6.84 -11.83 -19.50
N ARG A 19 7.39 -13.03 -19.41
CA ARG A 19 6.57 -14.25 -19.36
C ARG A 19 6.86 -15.01 -18.08
N LEU A 20 5.92 -14.93 -17.13
CA LEU A 20 5.96 -15.76 -15.95
C LEU A 20 5.51 -17.20 -16.25
N SER A 21 6.14 -18.16 -15.58
CA SER A 21 5.77 -19.54 -15.70
C SER A 21 5.56 -20.13 -14.30
N CYS A 22 4.63 -21.08 -14.23
CA CYS A 22 4.28 -21.81 -13.02
C CYS A 22 4.42 -23.30 -13.23
N ALA A 23 5.24 -23.94 -12.41
CA ALA A 23 5.54 -25.35 -12.61
C ALA A 23 5.70 -26.03 -11.27
N ALA A 24 5.68 -27.36 -11.29
CA ALA A 24 5.83 -28.16 -10.08
C ALA A 24 6.47 -29.48 -10.47
N PRO A 25 7.80 -29.53 -10.50
CA PRO A 25 8.47 -30.73 -11.00
C PRO A 25 7.94 -32.00 -10.35
N GLY A 26 7.57 -32.96 -11.19
CA GLY A 26 7.05 -34.23 -10.74
C GLY A 26 5.63 -34.26 -10.21
N PHE A 27 4.87 -33.17 -10.32
CA PHE A 27 3.47 -33.11 -9.87
C PHE A 27 2.62 -32.60 -11.03
N ARG A 28 1.84 -33.50 -11.63
CA ARG A 28 1.07 -33.18 -12.82
C ARG A 28 -0.05 -32.18 -12.47
N LEU A 29 0.00 -30.99 -13.09
CA LEU A 29 -1.00 -29.93 -12.85
C LEU A 29 -2.26 -30.04 -13.70
N ASP A 30 -2.30 -31.00 -14.62
CA ASP A 30 -3.41 -31.09 -15.56
C ASP A 30 -4.75 -30.91 -14.85
N ASN A 31 -4.89 -31.45 -13.64
CA ASN A 31 -6.18 -31.50 -12.99
C ASN A 31 -6.42 -30.36 -12.02
N TYR A 32 -5.64 -29.29 -12.08
CA TYR A 32 -5.76 -28.21 -11.11
C TYR A 32 -6.10 -26.89 -11.76
N VAL A 33 -7.08 -26.19 -11.19
CA VAL A 33 -7.16 -24.76 -11.33
C VAL A 33 -5.80 -24.21 -10.99
N ILE A 34 -5.36 -23.19 -11.74
CA ILE A 34 -4.13 -22.47 -11.41
C ILE A 34 -4.45 -20.99 -11.40
N GLY A 35 -3.99 -20.30 -10.37
CA GLY A 35 -4.26 -18.88 -10.22
C GLY A 35 -2.98 -18.11 -9.97
N TRP A 36 -2.91 -16.91 -10.54
CA TRP A 36 -1.80 -16.00 -10.32
C TRP A 36 -2.24 -14.86 -9.43
N PHE A 37 -1.48 -14.63 -8.36
CA PHE A 37 -1.69 -13.51 -7.47
C PHE A 37 -0.43 -12.66 -7.47
N ARG A 38 -0.55 -11.44 -6.99
CA ARG A 38 0.61 -10.57 -6.84
C ARG A 38 0.45 -9.72 -5.59
N GLN A 39 1.59 -9.33 -5.03
CA GLN A 39 1.60 -8.52 -3.83
C GLN A 39 2.66 -7.45 -3.98
N ALA A 40 2.22 -6.21 -3.95
CA ALA A 40 3.07 -5.05 -4.11
C ALA A 40 3.51 -4.57 -2.74
N PRO A 41 4.48 -3.65 -2.70
CA PRO A 41 5.07 -3.25 -1.41
C PRO A 41 4.02 -2.72 -0.43
N GLY A 42 3.97 -3.35 0.75
CA GLY A 42 3.15 -2.91 1.87
C GLY A 42 1.65 -3.04 1.67
N LYS A 43 1.21 -3.59 0.55
CA LYS A 43 -0.19 -3.73 0.15
C LYS A 43 -0.65 -5.17 0.29
N GLU A 44 -1.93 -5.37 0.06
CA GLU A 44 -2.53 -6.67 0.26
C GLU A 44 -2.46 -7.44 -1.05
N ARG A 45 -2.39 -8.76 -0.94
CA ARG A 45 -2.22 -9.63 -2.09
C ARG A 45 -3.48 -9.63 -2.95
N GLU A 46 -3.33 -9.55 -4.25
CA GLU A 46 -4.50 -9.47 -5.06
C GLU A 46 -4.45 -10.39 -6.20
N GLY A 47 -5.60 -10.74 -6.70
CA GLY A 47 -5.69 -11.67 -7.82
C GLY A 47 -5.39 -10.99 -9.14
N VAL A 48 -4.73 -11.72 -10.02
CA VAL A 48 -4.32 -11.24 -11.32
C VAL A 48 -5.04 -11.98 -12.44
N SER A 49 -4.96 -13.30 -12.43
CA SER A 49 -5.55 -14.12 -13.48
C SER A 49 -5.56 -15.55 -12.97
N CYS A 50 -6.45 -16.36 -13.53
CA CYS A 50 -6.31 -17.79 -13.31
C CYS A 50 -7.05 -18.53 -14.41
N ILE A 51 -6.74 -19.83 -14.53
CA ILE A 51 -7.17 -20.66 -15.63
C ILE A 51 -7.71 -21.98 -15.10
N SER A 52 -8.84 -22.41 -15.65
CA SER A 52 -9.49 -23.62 -15.18
C SER A 52 -8.69 -24.84 -15.64
N SER A 53 -8.99 -26.00 -15.05
CA SER A 53 -8.19 -27.18 -15.36
C SER A 53 -8.22 -27.46 -16.84
N SER A 54 -9.39 -27.43 -17.44
CA SER A 54 -9.50 -27.74 -18.85
C SER A 54 -9.03 -26.61 -19.76
N ALA A 55 -8.66 -25.46 -19.20
CA ALA A 55 -8.32 -24.27 -19.98
C ALA A 55 -9.50 -23.70 -20.75
N GLY A 56 -10.71 -24.18 -20.50
CA GLY A 56 -11.88 -23.62 -21.15
C GLY A 56 -12.25 -22.23 -20.66
N SER A 57 -11.61 -21.75 -19.57
CA SER A 57 -12.00 -20.49 -18.98
C SER A 57 -10.77 -19.79 -18.41
N THR A 58 -10.66 -18.48 -18.68
CA THR A 58 -9.61 -17.64 -18.14
C THR A 58 -10.24 -16.42 -17.48
N TYR A 59 -9.64 -15.96 -16.39
CA TYR A 59 -10.14 -14.77 -15.73
C TYR A 59 -9.00 -13.78 -15.58
N TYR A 60 -9.33 -12.50 -15.59
CA TYR A 60 -8.32 -11.46 -15.51
C TYR A 60 -8.84 -10.33 -14.63
N ALA A 61 -7.98 -9.85 -13.74
CA ALA A 61 -8.30 -8.64 -13.01
C ALA A 61 -8.55 -7.51 -13.99
N ASP A 62 -9.44 -6.60 -13.60
CA ASP A 62 -9.78 -5.51 -14.51
C ASP A 62 -8.57 -4.65 -14.84
N SER A 63 -7.73 -4.34 -13.86
CA SER A 63 -6.54 -3.51 -14.07
C SER A 63 -5.60 -4.10 -15.12
N VAL A 64 -5.79 -5.33 -15.46
CA VAL A 64 -4.90 -6.03 -16.31
C VAL A 64 -5.46 -6.57 -17.60
N LYS A 65 -6.75 -6.52 -17.78
CA LYS A 65 -7.42 -6.96 -19.00
C LYS A 65 -6.81 -6.27 -20.22
N GLY A 66 -6.57 -7.05 -21.27
CA GLY A 66 -6.01 -6.55 -22.49
C GLY A 66 -4.50 -6.57 -22.57
N ARG A 67 -3.82 -6.64 -21.45
CA ARG A 67 -2.36 -6.67 -21.42
C ARG A 67 -1.81 -8.04 -21.05
N PHE A 68 -2.46 -8.76 -20.13
CA PHE A 68 -1.97 -10.06 -19.72
C PHE A 68 -2.73 -11.16 -20.43
N THR A 69 -2.07 -12.31 -20.61
CA THR A 69 -2.68 -13.51 -21.18
C THR A 69 -2.17 -14.72 -20.42
N ILE A 70 -3.08 -15.53 -19.87
CA ILE A 70 -2.76 -16.75 -19.14
C ILE A 70 -3.04 -17.96 -20.01
N SER A 71 -2.18 -18.95 -19.97
CA SER A 71 -2.35 -20.12 -20.75
C SER A 71 -1.60 -21.27 -20.19
N ARG A 72 -1.91 -22.48 -20.60
CA ARG A 72 -1.18 -23.60 -20.05
C ARG A 72 -0.89 -24.70 -20.97
N ASP A 73 0.12 -25.47 -20.68
CA ASP A 73 0.38 -26.61 -21.49
C ASP A 73 0.60 -27.84 -20.65
N ASN A 74 -0.29 -28.81 -20.79
CA ASN A 74 -0.20 -30.04 -20.03
C ASN A 74 0.99 -30.84 -20.38
N ALA A 75 1.37 -30.84 -21.63
CA ALA A 75 2.54 -31.56 -22.02
C ALA A 75 3.75 -31.02 -21.36
N LYS A 76 3.88 -29.72 -21.25
CA LYS A 76 4.98 -29.17 -20.57
C LYS A 76 4.71 -28.99 -19.11
N ASN A 77 3.47 -29.23 -18.69
CA ASN A 77 3.04 -29.16 -17.29
C ASN A 77 3.31 -27.85 -16.68
N THR A 78 3.02 -26.78 -17.41
CA THR A 78 3.30 -25.45 -17.02
C THR A 78 2.16 -24.48 -17.32
N VAL A 79 1.95 -23.48 -16.49
CA VAL A 79 1.00 -22.43 -16.73
C VAL A 79 1.83 -21.21 -16.97
N TYR A 80 1.46 -20.39 -17.92
CA TYR A 80 2.23 -19.24 -18.20
C TYR A 80 1.46 -18.04 -18.14
N LEU A 81 2.07 -16.94 -17.76
CA LEU A 81 1.39 -15.68 -17.79
C LEU A 81 2.20 -14.72 -18.60
N GLN A 82 1.70 -14.30 -19.73
CA GLN A 82 2.36 -13.35 -20.62
C GLN A 82 1.97 -11.93 -20.21
N MET A 83 2.94 -11.09 -19.87
CA MET A 83 2.66 -9.74 -19.42
C MET A 83 3.18 -8.71 -20.42
N ASN A 84 2.26 -8.09 -21.17
CA ASN A 84 2.61 -7.06 -22.12
C ASN A 84 2.31 -5.68 -21.55
N SER A 85 2.94 -4.66 -22.14
CA SER A 85 2.69 -3.28 -21.76
C SER A 85 2.73 -3.09 -20.25
N LEU A 86 3.83 -3.54 -19.63
CA LEU A 86 3.93 -3.48 -18.18
C LEU A 86 4.07 -2.05 -17.71
N LYS A 87 3.48 -1.77 -16.56
CA LYS A 87 3.49 -0.44 -15.97
C LYS A 87 4.16 -0.49 -14.61
N PRO A 88 4.63 0.66 -14.11
CA PRO A 88 5.17 0.67 -12.75
C PRO A 88 4.23 0.09 -11.72
N GLU A 89 2.93 0.32 -11.87
CA GLU A 89 1.96 -0.19 -10.93
C GLU A 89 1.91 -1.71 -10.91
N ASP A 90 2.51 -2.39 -11.90
CA ASP A 90 2.54 -3.84 -11.92
C ASP A 90 3.73 -4.41 -11.14
N THR A 91 4.58 -3.55 -10.58
CA THR A 91 5.66 -4.03 -9.74
C THR A 91 5.10 -4.75 -8.52
N ALA A 92 5.57 -5.97 -8.29
CA ALA A 92 5.06 -6.78 -7.19
C ALA A 92 5.80 -8.11 -7.21
N VAL A 93 5.61 -8.89 -6.13
CA VAL A 93 5.96 -10.30 -6.15
C VAL A 93 4.76 -11.07 -6.67
N TYR A 94 4.98 -11.91 -7.67
CA TYR A 94 3.91 -12.65 -8.32
C TYR A 94 3.91 -14.09 -7.81
N TYR A 95 2.72 -14.61 -7.55
CA TYR A 95 2.57 -15.91 -6.93
C TYR A 95 1.64 -16.81 -7.74
N CYS A 96 1.93 -18.10 -7.62
CA CYS A 96 1.24 -19.17 -8.30
C CYS A 96 0.50 -20.00 -7.24
N ALA A 97 -0.68 -20.53 -7.57
CA ALA A 97 -1.40 -21.40 -6.63
C ALA A 97 -2.49 -22.20 -7.36
N THR A 98 -2.85 -23.36 -6.77
CA THR A 98 -3.90 -24.22 -7.33
C THR A 98 -5.30 -23.72 -7.01
N ALA A 99 -5.52 -22.42 -7.03
CA ALA A 99 -6.83 -21.89 -6.73
C ALA A 99 -6.91 -20.49 -7.31
N CYS A 100 -8.11 -20.05 -7.63
CA CYS A 100 -8.31 -18.65 -8.01
C CYS A 100 -8.65 -17.80 -6.81
N TYR A 101 -9.05 -18.42 -5.70
CA TYR A 101 -9.51 -17.71 -4.51
C TYR A 101 -8.40 -17.77 -3.48
N SER A 102 -7.80 -16.60 -3.18
CA SER A 102 -6.67 -16.58 -2.26
C SER A 102 -6.96 -17.34 -0.98
N SER A 103 -8.20 -17.25 -0.45
CA SER A 103 -8.48 -17.91 0.83
C SER A 103 -8.35 -19.43 0.78
N TYR A 104 -8.37 -20.02 -0.43
CA TYR A 104 -8.19 -21.46 -0.57
C TYR A 104 -6.74 -21.90 -0.49
N VAL A 105 -5.79 -20.97 -0.59
CA VAL A 105 -4.38 -21.30 -0.73
C VAL A 105 -3.78 -21.55 0.64
N THR A 106 -3.08 -22.68 0.77
CA THR A 106 -2.45 -23.09 2.02
C THR A 106 -0.94 -22.86 2.07
N TYR A 107 -0.27 -22.74 0.91
CA TYR A 107 1.17 -22.51 0.84
C TYR A 107 1.44 -21.48 -0.25
N TRP A 108 2.18 -20.42 0.09
CA TRP A 108 2.63 -19.43 -0.89
C TRP A 108 4.11 -19.63 -1.18
N GLY A 109 4.46 -19.57 -2.46
CA GLY A 109 5.86 -19.75 -2.80
C GLY A 109 6.82 -18.74 -2.20
N GLN A 110 8.00 -18.70 -2.80
CA GLN A 110 8.84 -17.53 -2.68
C GLN A 110 8.31 -16.42 -3.55
N GLY A 111 7.52 -16.76 -4.56
CA GLY A 111 7.10 -15.79 -5.53
C GLY A 111 8.29 -15.49 -6.42
N THR A 112 8.07 -14.69 -7.46
CA THR A 112 9.17 -14.20 -8.28
C THR A 112 9.00 -12.70 -8.46
N GLN A 113 10.09 -11.91 -8.35
CA GLN A 113 9.92 -10.46 -8.34
C GLN A 113 9.80 -9.88 -9.76
N VAL A 114 8.81 -9.01 -9.95
CA VAL A 114 8.60 -8.26 -11.19
C VAL A 114 8.79 -6.80 -10.85
N THR A 115 9.75 -6.16 -11.51
CA THR A 115 10.01 -4.75 -11.29
C THR A 115 9.98 -4.01 -12.61
N VAL A 116 9.16 -2.98 -12.68
CA VAL A 116 8.95 -2.22 -13.90
C VAL A 116 9.48 -0.82 -13.64
N SER A 117 10.55 -0.45 -14.33
CA SER A 117 11.24 0.78 -13.97
C SER A 117 12.24 1.14 -15.06
N SER A 118 12.59 2.42 -15.13
CA SER A 118 13.59 2.86 -16.09
C SER A 118 14.98 3.05 -15.48
N GLY A 119 15.23 2.47 -14.30
CA GLY A 119 16.60 2.36 -13.80
C GLY A 119 17.50 1.58 -14.75
N ARG A 120 17.24 0.28 -14.87
CA ARG A 120 17.95 -0.58 -15.82
C ARG A 120 17.05 -1.67 -16.43
N VAL B 2 -1.29 -26.52 6.11
CA VAL B 2 -0.07 -27.12 5.55
C VAL B 2 -0.11 -28.63 5.75
N GLN B 3 -0.04 -29.04 7.02
CA GLN B 3 0.21 -30.42 7.43
C GLN B 3 -0.86 -30.90 8.44
N LEU B 4 -2.08 -31.18 7.96
CA LEU B 4 -3.14 -31.69 8.84
C LEU B 4 -2.83 -33.09 9.36
N GLN B 5 -3.15 -33.34 10.63
CA GLN B 5 -2.92 -34.62 11.28
C GLN B 5 -4.24 -35.22 11.76
N GLU B 6 -4.52 -36.45 11.34
CA GLU B 6 -5.68 -37.21 11.75
C GLU B 6 -5.37 -38.02 13.01
N SER B 7 -6.38 -38.21 13.84
CA SER B 7 -6.25 -39.01 15.06
C SER B 7 -7.61 -39.56 15.47
N GLY B 8 -7.62 -40.37 16.52
CA GLY B 8 -8.83 -40.98 17.03
C GLY B 8 -9.18 -42.34 16.47
N GLY B 9 -8.53 -42.79 15.39
CA GLY B 9 -8.85 -44.09 14.83
C GLY B 9 -8.39 -45.25 15.70
N GLY B 10 -8.93 -46.43 15.38
CA GLY B 10 -8.65 -47.63 16.15
C GLY B 10 -9.67 -48.73 15.83
N LEU B 11 -9.76 -49.70 16.75
CA LEU B 11 -10.60 -50.87 16.57
C LEU B 11 -11.90 -50.78 17.36
N VAL B 12 -12.99 -51.26 16.76
CA VAL B 12 -14.31 -51.28 17.40
C VAL B 12 -15.13 -52.44 16.83
N GLN B 13 -16.03 -52.96 17.66
CA GLN B 13 -16.94 -54.01 17.24
C GLN B 13 -18.14 -53.41 16.51
N PRO B 14 -18.80 -54.16 15.64
CA PRO B 14 -19.93 -53.55 14.90
C PRO B 14 -20.96 -52.94 15.85
N GLY B 15 -21.31 -51.69 15.60
CA GLY B 15 -22.18 -50.92 16.46
C GLY B 15 -21.47 -49.92 17.36
N GLY B 16 -20.13 -49.94 17.40
CA GLY B 16 -19.38 -49.05 18.28
C GLY B 16 -19.24 -47.65 17.72
N SER B 17 -18.43 -46.86 18.41
CA SER B 17 -18.33 -45.44 18.07
C SER B 17 -16.90 -44.95 18.23
N LEU B 18 -16.60 -43.88 17.49
CA LEU B 18 -15.29 -43.25 17.47
C LEU B 18 -15.45 -41.76 17.18
N ARG B 19 -14.52 -40.98 17.67
CA ARG B 19 -14.44 -39.57 17.31
C ARG B 19 -13.06 -39.36 16.69
N LEU B 20 -13.04 -39.21 15.36
CA LEU B 20 -11.84 -38.84 14.65
C LEU B 20 -11.58 -37.36 14.84
N SER B 21 -10.30 -36.99 14.88
CA SER B 21 -9.91 -35.60 15.01
C SER B 21 -9.01 -35.19 13.86
N CYS B 22 -9.20 -33.96 13.42
CA CYS B 22 -8.34 -33.35 12.43
C CYS B 22 -7.78 -32.07 13.02
N ALA B 23 -6.45 -31.96 13.07
CA ALA B 23 -5.81 -30.82 13.69
C ALA B 23 -4.58 -30.47 12.89
N ALA B 24 -4.10 -29.24 13.09
CA ALA B 24 -2.94 -28.75 12.36
C ALA B 24 -2.24 -27.77 13.26
N PRO B 25 -1.34 -28.25 14.12
CA PRO B 25 -0.75 -27.40 15.16
C PRO B 25 -0.22 -26.08 14.62
N GLY B 26 -0.62 -24.98 15.28
CA GLY B 26 -0.13 -23.67 14.93
C GLY B 26 -0.64 -23.11 13.62
N PHE B 27 -1.58 -23.79 12.96
CA PHE B 27 -2.08 -23.37 11.66
C PHE B 27 -3.62 -23.27 11.73
N ARG B 28 -4.15 -22.04 11.78
CA ARG B 28 -5.58 -21.85 11.98
C ARG B 28 -6.41 -22.34 10.80
N LEU B 29 -7.34 -23.27 11.06
CA LEU B 29 -8.27 -23.81 10.08
C LEU B 29 -9.56 -22.98 9.96
N ASP B 30 -9.74 -21.98 10.82
CA ASP B 30 -11.00 -21.24 10.90
C ASP B 30 -11.56 -20.91 9.53
N ASN B 31 -10.67 -20.58 8.59
CA ASN B 31 -11.06 -20.07 7.29
C ASN B 31 -11.11 -21.15 6.24
N TYR B 32 -11.08 -22.43 6.63
CA TYR B 32 -11.04 -23.49 5.64
C TYR B 32 -12.27 -24.39 5.70
N VAL B 33 -12.80 -24.69 4.52
CA VAL B 33 -13.54 -25.92 4.34
C VAL B 33 -12.68 -27.06 4.85
N ILE B 34 -13.30 -28.05 5.47
CA ILE B 34 -12.62 -29.29 5.89
C ILE B 34 -13.48 -30.46 5.47
N GLY B 35 -12.86 -31.46 4.89
CA GLY B 35 -13.58 -32.63 4.42
C GLY B 35 -12.87 -33.88 4.90
N TRP B 36 -13.66 -34.91 5.21
CA TRP B 36 -13.17 -36.22 5.61
C TRP B 36 -13.36 -37.19 4.46
N PHE B 37 -12.30 -37.91 4.13
CA PHE B 37 -12.34 -38.97 3.15
C PHE B 37 -11.91 -40.28 3.79
N ARG B 38 -12.21 -41.37 3.12
CA ARG B 38 -11.77 -42.67 3.61
C ARG B 38 -11.37 -43.51 2.42
N GLN B 39 -10.47 -44.46 2.66
CA GLN B 39 -10.03 -45.37 1.62
C GLN B 39 -9.92 -46.78 2.20
N ALA B 40 -10.65 -47.71 1.59
CA ALA B 40 -10.68 -49.09 2.04
C ALA B 40 -9.67 -49.91 1.26
N PRO B 41 -9.37 -51.14 1.72
CA PRO B 41 -8.38 -51.95 1.02
C PRO B 41 -8.80 -52.19 -0.42
N GLY B 42 -7.96 -51.77 -1.35
CA GLY B 42 -8.18 -52.05 -2.75
C GLY B 42 -9.31 -51.29 -3.42
N LYS B 43 -9.97 -50.37 -2.73
CA LYS B 43 -11.03 -49.57 -3.31
C LYS B 43 -10.53 -48.14 -3.50
N GLU B 44 -11.34 -47.33 -4.17
CA GLU B 44 -10.93 -45.97 -4.47
C GLU B 44 -11.38 -45.03 -3.33
N ARG B 45 -10.69 -43.90 -3.22
CA ARG B 45 -10.90 -42.98 -2.10
C ARG B 45 -12.27 -42.31 -2.21
N GLU B 46 -13.03 -42.35 -1.11
CA GLU B 46 -14.41 -41.88 -1.09
C GLU B 46 -14.51 -40.64 -0.21
N GLY B 47 -15.45 -39.77 -0.54
CA GLY B 47 -15.81 -38.68 0.36
C GLY B 47 -16.77 -39.19 1.43
N VAL B 48 -16.59 -38.69 2.65
CA VAL B 48 -17.37 -39.12 3.80
C VAL B 48 -18.22 -38.00 4.36
N SER B 49 -17.62 -36.84 4.62
CA SER B 49 -18.35 -35.75 5.25
C SER B 49 -17.59 -34.45 4.99
N CYS B 50 -18.32 -33.34 5.08
CA CYS B 50 -17.69 -32.04 4.91
C CYS B 50 -18.40 -30.98 5.74
N ILE B 51 -17.63 -29.96 6.11
CA ILE B 51 -18.12 -28.83 6.90
C ILE B 51 -17.48 -27.56 6.33
N SER B 52 -18.31 -26.53 6.17
CA SER B 52 -17.92 -25.26 5.57
C SER B 52 -17.11 -24.43 6.55
N SER B 53 -16.52 -23.33 6.05
CA SER B 53 -15.71 -22.51 6.94
C SER B 53 -16.54 -21.98 8.10
N SER B 54 -17.71 -21.43 7.79
CA SER B 54 -18.54 -20.84 8.85
C SER B 54 -19.18 -21.89 9.73
N ALA B 55 -19.05 -23.18 9.40
CA ALA B 55 -19.76 -24.27 10.04
C ALA B 55 -21.26 -24.19 9.80
N GLY B 56 -21.71 -23.29 8.93
CA GLY B 56 -23.13 -23.18 8.63
C GLY B 56 -23.70 -24.33 7.84
N SER B 57 -22.84 -25.20 7.31
CA SER B 57 -23.27 -26.25 6.40
C SER B 57 -22.48 -27.52 6.62
N THR B 58 -23.18 -28.65 6.70
CA THR B 58 -22.59 -29.97 6.80
C THR B 58 -23.15 -30.87 5.71
N TYR B 59 -22.29 -31.73 5.14
CA TYR B 59 -22.66 -32.69 4.11
C TYR B 59 -22.20 -34.08 4.52
N TYR B 60 -22.95 -35.07 4.10
CA TYR B 60 -22.66 -36.44 4.49
C TYR B 60 -22.89 -37.39 3.33
N ALA B 61 -21.96 -38.32 3.16
CA ALA B 61 -22.17 -39.40 2.21
C ALA B 61 -23.46 -40.13 2.52
N ASP B 62 -24.14 -40.57 1.49
CA ASP B 62 -25.41 -41.19 1.69
C ASP B 62 -25.35 -42.38 2.53
N SER B 63 -24.31 -43.12 2.39
CA SER B 63 -24.14 -44.27 3.18
C SER B 63 -23.88 -44.06 4.62
N VAL B 64 -23.42 -42.93 5.02
CA VAL B 64 -23.12 -42.68 6.36
C VAL B 64 -24.11 -41.74 6.98
N LYS B 65 -25.14 -41.39 6.27
CA LYS B 65 -26.09 -40.45 6.79
C LYS B 65 -26.78 -40.97 8.01
N GLY B 66 -26.86 -40.13 9.00
CA GLY B 66 -27.51 -40.46 10.23
C GLY B 66 -26.63 -41.09 11.26
N ARG B 67 -25.46 -41.56 10.90
CA ARG B 67 -24.59 -42.15 11.85
C ARG B 67 -23.44 -41.28 12.23
N PHE B 68 -22.86 -40.59 11.27
CA PHE B 68 -21.76 -39.72 11.51
C PHE B 68 -22.20 -38.32 11.65
N THR B 69 -21.47 -37.55 12.43
CA THR B 69 -21.71 -36.13 12.60
C THR B 69 -20.39 -35.39 12.57
N ILE B 70 -20.34 -34.27 11.89
CA ILE B 70 -19.15 -33.52 11.76
C ILE B 70 -19.32 -32.22 12.44
N SER B 71 -18.28 -31.72 13.04
CA SER B 71 -18.38 -30.50 13.83
C SER B 71 -16.99 -29.89 13.92
N ARG B 72 -16.94 -28.63 14.33
CA ARG B 72 -15.65 -27.99 14.44
C ARG B 72 -15.69 -27.00 15.59
N ASP B 73 -14.56 -26.88 16.26
CA ASP B 73 -14.37 -25.92 17.34
C ASP B 73 -13.15 -25.10 16.99
N ASN B 74 -13.35 -23.83 16.61
CA ASN B 74 -12.20 -23.00 16.26
C ASN B 74 -11.29 -22.78 17.46
N ALA B 75 -11.85 -22.81 18.66
CA ALA B 75 -11.03 -22.60 19.86
C ALA B 75 -9.97 -23.68 20.00
N LYS B 76 -10.33 -24.94 19.80
CA LYS B 76 -9.33 -26.01 19.82
C LYS B 76 -8.67 -26.23 18.46
N ASN B 77 -9.01 -25.44 17.45
CA ASN B 77 -8.41 -25.57 16.12
C ASN B 77 -8.47 -27.02 15.63
N THR B 78 -9.67 -27.59 15.67
CA THR B 78 -9.87 -29.00 15.39
C THR B 78 -11.25 -29.18 14.75
N VAL B 79 -11.33 -30.10 13.80
CA VAL B 79 -12.60 -30.56 13.25
C VAL B 79 -12.77 -32.01 13.67
N TYR B 80 -13.97 -32.37 14.09
CA TYR B 80 -14.24 -33.71 14.59
C TYR B 80 -15.16 -34.45 13.64
N LEU B 81 -15.06 -35.74 13.63
CA LEU B 81 -15.99 -36.55 12.91
C LEU B 81 -16.47 -37.55 13.88
N GLN B 82 -17.70 -37.46 14.34
CA GLN B 82 -18.16 -38.42 15.28
C GLN B 82 -18.81 -39.53 14.58
N MET B 83 -18.34 -40.74 14.74
CA MET B 83 -18.91 -41.86 14.06
C MET B 83 -19.69 -42.87 14.93
N ASN B 84 -20.98 -43.00 14.76
CA ASN B 84 -21.77 -43.92 15.53
C ASN B 84 -22.23 -45.05 14.70
N SER B 85 -22.57 -46.16 15.31
CA SER B 85 -23.05 -47.30 14.59
C SER B 85 -22.22 -47.82 13.49
N LEU B 86 -21.01 -48.07 13.76
CA LEU B 86 -20.16 -48.52 12.69
C LEU B 86 -20.45 -49.85 12.19
N LYS B 87 -20.17 -50.10 10.95
CA LYS B 87 -20.34 -51.40 10.36
C LYS B 87 -19.11 -51.75 9.71
N PRO B 88 -18.90 -52.99 9.41
CA PRO B 88 -17.69 -53.44 8.73
C PRO B 88 -17.33 -52.85 7.38
N GLU B 89 -18.17 -52.02 6.85
CA GLU B 89 -17.86 -51.41 5.60
C GLU B 89 -17.28 -50.06 5.80
N ASP B 90 -17.15 -49.67 7.03
CA ASP B 90 -16.56 -48.46 7.43
C ASP B 90 -15.10 -48.64 7.75
N THR B 91 -14.56 -49.78 7.43
CA THR B 91 -13.21 -50.04 7.70
C THR B 91 -12.48 -49.49 6.55
N ALA B 92 -11.48 -48.68 6.85
CA ALA B 92 -10.73 -47.95 5.83
C ALA B 92 -9.77 -47.06 6.58
N VAL B 93 -8.83 -46.48 5.84
CA VAL B 93 -8.00 -45.40 6.35
C VAL B 93 -8.74 -44.09 6.08
N TYR B 94 -8.91 -43.27 7.11
CA TYR B 94 -9.65 -42.02 7.00
C TYR B 94 -8.68 -40.86 6.90
N TYR B 95 -9.02 -39.90 6.04
CA TYR B 95 -8.13 -38.80 5.69
C TYR B 95 -8.83 -37.46 5.82
N CYS B 96 -8.03 -36.45 6.10
CA CYS B 96 -8.48 -35.08 6.33
C CYS B 96 -7.94 -34.14 5.24
N ALA B 97 -8.68 -33.10 4.90
CA ALA B 97 -8.22 -32.17 3.87
C ALA B 97 -8.94 -30.84 3.97
N THR B 98 -8.33 -29.80 3.40
CA THR B 98 -9.01 -28.51 3.33
C THR B 98 -9.91 -28.36 2.10
N ALA B 99 -10.66 -29.40 1.74
CA ALA B 99 -11.55 -29.34 0.60
C ALA B 99 -12.57 -30.45 0.73
N CYS B 100 -13.75 -30.28 0.14
CA CYS B 100 -14.65 -31.43 0.09
C CYS B 100 -14.40 -32.27 -1.14
N TYR B 101 -13.73 -31.72 -2.14
CA TYR B 101 -13.56 -32.36 -3.44
C TYR B 101 -12.16 -32.93 -3.50
N SER B 102 -12.07 -34.27 -3.53
CA SER B 102 -10.76 -34.92 -3.54
C SER B 102 -9.81 -34.31 -4.58
N SER B 103 -10.31 -33.96 -5.76
CA SER B 103 -9.40 -33.46 -6.78
C SER B 103 -8.74 -32.13 -6.41
N TYR B 104 -9.28 -31.38 -5.45
CA TYR B 104 -8.64 -30.14 -5.00
C TYR B 104 -7.47 -30.40 -4.04
N VAL B 105 -7.36 -31.60 -3.49
CA VAL B 105 -6.42 -31.92 -2.41
C VAL B 105 -5.06 -32.26 -3.02
N THR B 106 -4.00 -31.58 -2.55
CA THR B 106 -2.66 -31.82 -3.09
C THR B 106 -1.76 -32.64 -2.19
N TYR B 107 -2.08 -32.74 -0.89
CA TYR B 107 -1.28 -33.51 0.04
C TYR B 107 -2.21 -34.30 0.96
N TRP B 108 -1.98 -35.61 1.05
CA TRP B 108 -2.75 -36.46 1.94
C TRP B 108 -1.94 -36.85 3.16
N GLY B 109 -2.58 -36.80 4.33
CA GLY B 109 -1.87 -37.17 5.54
C GLY B 109 -1.38 -38.60 5.53
N GLN B 110 -0.99 -39.10 6.69
CA GLN B 110 -0.90 -40.53 6.87
C GLN B 110 -2.28 -41.17 6.96
N GLY B 111 -3.28 -40.38 7.35
CA GLY B 111 -4.57 -40.93 7.69
C GLY B 111 -4.52 -41.56 9.08
N THR B 112 -5.68 -42.03 9.53
CA THR B 112 -5.79 -42.81 10.75
C THR B 112 -6.63 -44.06 10.47
N GLN B 113 -6.18 -45.21 10.97
CA GLN B 113 -6.82 -46.47 10.57
C GLN B 113 -8.06 -46.73 11.42
N VAL B 114 -9.16 -47.05 10.75
CA VAL B 114 -10.37 -47.49 11.42
C VAL B 114 -10.65 -48.91 10.95
N THR B 115 -10.70 -49.86 11.89
CA THR B 115 -11.02 -51.24 11.56
C THR B 115 -12.21 -51.65 12.43
N VAL B 116 -13.23 -52.14 11.79
CA VAL B 116 -14.38 -52.55 12.48
C VAL B 116 -14.70 -53.97 12.11
N SER B 117 -14.73 -54.85 13.08
CA SER B 117 -15.03 -56.27 12.86
C SER B 117 -14.97 -57.02 14.19
N SER B 118 -15.66 -58.16 14.21
CA SER B 118 -15.60 -59.09 15.36
C SER B 118 -14.76 -60.35 15.08
N GLN C 3 -32.41 4.75 -10.61
CA GLN C 3 -33.51 4.44 -11.52
C GLN C 3 -33.69 2.93 -11.48
N LEU C 4 -34.32 2.53 -10.39
CA LEU C 4 -34.75 1.16 -10.18
C LEU C 4 -36.20 1.25 -9.74
N GLN C 5 -37.03 0.32 -10.23
CA GLN C 5 -38.45 0.36 -9.91
C GLN C 5 -38.91 -1.07 -9.70
N GLU C 6 -39.20 -1.41 -8.45
CA GLU C 6 -39.62 -2.75 -8.12
C GLU C 6 -41.14 -2.81 -7.94
N SER C 7 -41.72 -3.94 -8.32
CA SER C 7 -43.15 -4.13 -8.21
C SER C 7 -43.40 -5.60 -7.89
N GLY C 8 -44.64 -5.91 -7.53
CA GLY C 8 -45.05 -7.28 -7.33
C GLY C 8 -45.24 -7.69 -5.89
N GLY C 9 -44.81 -6.88 -4.92
CA GLY C 9 -45.00 -7.22 -3.52
C GLY C 9 -46.47 -7.14 -3.11
N GLY C 10 -46.72 -7.43 -1.84
CA GLY C 10 -48.06 -7.33 -1.31
C GLY C 10 -48.24 -8.19 -0.06
N LEU C 11 -49.50 -8.50 0.22
CA LEU C 11 -49.90 -9.19 1.45
C LEU C 11 -50.23 -10.64 1.15
N VAL C 12 -49.61 -11.55 1.91
CA VAL C 12 -49.73 -12.98 1.68
C VAL C 12 -49.62 -13.68 3.02
N GLN C 13 -50.23 -14.87 3.11
CA GLN C 13 -50.32 -15.74 4.28
C GLN C 13 -49.07 -16.62 4.36
N PRO C 14 -48.71 -17.08 5.56
CA PRO C 14 -47.60 -18.03 5.67
C PRO C 14 -47.82 -19.24 4.77
N GLY C 15 -46.75 -19.66 4.12
CA GLY C 15 -46.81 -20.71 3.13
C GLY C 15 -47.08 -20.25 1.72
N GLY C 16 -47.33 -18.95 1.49
CA GLY C 16 -47.72 -18.45 0.20
C GLY C 16 -46.56 -18.18 -0.76
N SER C 17 -46.89 -17.52 -1.87
CA SER C 17 -45.97 -17.23 -2.97
C SER C 17 -46.07 -15.76 -3.37
N LEU C 18 -44.99 -15.25 -3.95
CA LEU C 18 -44.91 -13.91 -4.53
C LEU C 18 -43.83 -13.91 -5.59
N ARG C 19 -44.02 -13.08 -6.62
CA ARG C 19 -42.98 -12.83 -7.61
C ARG C 19 -42.77 -11.33 -7.72
N LEU C 20 -41.59 -10.87 -7.29
CA LEU C 20 -41.18 -9.48 -7.40
C LEU C 20 -40.48 -9.23 -8.73
N SER C 21 -40.63 -8.01 -9.22
CA SER C 21 -39.99 -7.61 -10.46
C SER C 21 -39.25 -6.30 -10.24
N CYS C 22 -38.16 -6.14 -10.99
CA CYS C 22 -37.29 -4.98 -10.90
C CYS C 22 -36.97 -4.53 -12.31
N ALA C 23 -37.34 -3.29 -12.65
CA ALA C 23 -37.02 -2.70 -13.94
C ALA C 23 -35.75 -1.89 -13.76
N ALA C 24 -34.71 -2.24 -14.52
CA ALA C 24 -33.38 -1.65 -14.37
C ALA C 24 -33.07 -0.76 -15.55
N SER C 25 -32.09 0.12 -15.34
CA SER C 25 -31.77 1.15 -16.30
C SER C 25 -30.99 0.67 -17.51
N GLY C 26 -30.42 -0.52 -17.49
CA GLY C 26 -29.56 -0.93 -18.57
C GLY C 26 -28.16 -0.43 -18.37
N SER C 27 -28.03 0.77 -17.80
CA SER C 27 -26.72 1.21 -17.35
C SER C 27 -26.31 0.46 -16.09
N ILE C 28 -27.23 0.36 -15.13
CA ILE C 28 -27.03 -0.40 -13.90
C ILE C 28 -26.99 -1.89 -14.18
N PHE C 29 -27.79 -2.35 -15.14
CA PHE C 29 -28.09 -3.77 -15.33
C PHE C 29 -27.12 -4.45 -16.27
N SER C 30 -26.99 -3.93 -17.49
CA SER C 30 -26.30 -4.67 -18.54
C SER C 30 -24.89 -5.04 -18.12
N ASP C 31 -24.62 -6.35 -18.12
CA ASP C 31 -23.33 -7.02 -17.88
C ASP C 31 -22.95 -7.08 -16.40
N ASN C 32 -23.78 -6.60 -15.50
CA ASN C 32 -23.46 -6.51 -14.09
C ASN C 32 -24.27 -7.52 -13.28
N ASP C 33 -23.72 -7.93 -12.13
CA ASP C 33 -24.49 -8.74 -11.20
C ASP C 33 -25.64 -7.94 -10.62
N MET C 34 -26.81 -8.57 -10.52
CA MET C 34 -27.97 -7.90 -9.95
C MET C 34 -28.49 -8.68 -8.76
N GLY C 35 -29.09 -7.96 -7.82
CA GLY C 35 -29.45 -8.61 -6.58
C GLY C 35 -30.68 -8.01 -5.93
N TRP C 36 -31.26 -8.79 -5.03
CA TRP C 36 -32.37 -8.32 -4.22
C TRP C 36 -31.89 -8.08 -2.80
N TYR C 37 -32.41 -7.03 -2.19
CA TYR C 37 -32.15 -6.70 -0.81
C TYR C 37 -33.49 -6.50 -0.11
N ARG C 38 -33.47 -6.43 1.21
CA ARG C 38 -34.71 -6.21 1.95
C ARG C 38 -34.43 -5.52 3.28
N GLN C 39 -35.42 -4.76 3.75
CA GLN C 39 -35.37 -4.07 5.04
C GLN C 39 -36.49 -4.54 5.94
N PRO C 40 -36.23 -5.46 6.86
CA PRO C 40 -37.27 -5.91 7.79
C PRO C 40 -37.57 -4.81 8.79
N PRO C 41 -38.75 -4.80 9.39
CA PRO C 41 -39.08 -3.74 10.36
C PRO C 41 -38.07 -3.72 11.49
N GLY C 42 -37.60 -2.52 11.84
CA GLY C 42 -36.65 -2.29 12.91
C GLY C 42 -35.24 -2.78 12.65
N LYS C 43 -34.96 -3.31 11.47
CA LYS C 43 -33.64 -3.83 11.14
C LYS C 43 -33.06 -3.04 9.97
N GLN C 44 -31.82 -3.38 9.62
CA GLN C 44 -31.05 -2.75 8.58
C GLN C 44 -31.24 -3.48 7.24
N ARG C 45 -30.98 -2.77 6.15
CA ARG C 45 -31.19 -3.35 4.81
C ARG C 45 -30.17 -4.45 4.55
N GLU C 46 -30.65 -5.65 4.25
CA GLU C 46 -29.76 -6.79 4.13
C GLU C 46 -29.82 -7.34 2.70
N TRP C 47 -28.67 -7.86 2.27
CA TRP C 47 -28.57 -8.55 0.99
C TRP C 47 -29.31 -9.88 1.06
N VAL C 48 -29.87 -10.30 -0.07
CA VAL C 48 -30.75 -11.46 -0.10
C VAL C 48 -30.28 -12.47 -1.15
N ALA C 49 -30.07 -12.01 -2.39
CA ALA C 49 -29.63 -12.89 -3.47
C ALA C 49 -28.96 -12.08 -4.55
N THR C 50 -28.14 -12.78 -5.33
CA THR C 50 -27.32 -12.21 -6.39
C THR C 50 -27.45 -13.09 -7.61
N ILE C 51 -27.43 -12.50 -8.79
CA ILE C 51 -27.43 -13.26 -10.04
C ILE C 51 -26.45 -12.59 -10.98
N THR C 52 -25.62 -13.41 -11.61
CA THR C 52 -24.63 -12.84 -12.52
C THR C 52 -25.29 -12.62 -13.87
N TYR C 53 -24.55 -12.05 -14.82
CA TYR C 53 -25.10 -11.85 -16.16
C TYR C 53 -25.35 -13.18 -16.86
N ASP C 54 -24.55 -14.22 -16.54
CA ASP C 54 -24.71 -15.57 -17.08
C ASP C 54 -25.38 -16.53 -16.10
N HIS C 55 -26.23 -15.99 -15.21
CA HIS C 55 -27.23 -16.75 -14.49
C HIS C 55 -26.67 -17.62 -13.38
N VAL C 56 -25.49 -17.31 -12.87
CA VAL C 56 -25.02 -17.95 -11.65
C VAL C 56 -25.67 -17.24 -10.46
N THR C 57 -26.17 -18.01 -9.51
CA THR C 57 -26.96 -17.47 -8.41
C THR C 57 -26.33 -17.82 -7.07
N TRP C 58 -26.60 -16.96 -6.07
CA TRP C 58 -26.35 -17.33 -4.69
C TRP C 58 -27.29 -16.54 -3.78
N TYR C 59 -27.55 -17.10 -2.59
CA TYR C 59 -28.62 -16.60 -1.73
C TYR C 59 -28.16 -16.54 -0.27
N ALA C 60 -28.78 -15.65 0.48
CA ALA C 60 -28.55 -15.58 1.92
C ALA C 60 -29.02 -16.87 2.59
N ASP C 61 -28.46 -17.11 3.77
CA ASP C 61 -28.76 -18.31 4.52
C ASP C 61 -30.27 -18.40 4.80
N SER C 62 -30.89 -17.28 5.21
CA SER C 62 -32.28 -17.29 5.64
C SER C 62 -33.28 -17.59 4.51
N VAL C 63 -32.92 -17.40 3.25
CA VAL C 63 -33.84 -17.64 2.14
C VAL C 63 -33.40 -18.76 1.21
N LYS C 64 -32.18 -19.27 1.34
CA LYS C 64 -31.71 -20.30 0.43
C LYS C 64 -32.64 -21.50 0.42
N GLY C 65 -33.00 -21.95 -0.78
CA GLY C 65 -33.93 -23.05 -0.96
C GLY C 65 -35.39 -22.65 -1.10
N ARG C 66 -35.78 -21.44 -0.68
CA ARG C 66 -37.15 -20.94 -0.79
C ARG C 66 -37.32 -19.84 -1.84
N PHE C 67 -36.33 -18.98 -2.01
CA PHE C 67 -36.36 -17.92 -3.02
C PHE C 67 -35.55 -18.37 -4.24
N ALA C 68 -35.92 -17.86 -5.42
CA ALA C 68 -35.15 -18.12 -6.65
C ALA C 68 -35.10 -16.84 -7.46
N ILE C 69 -33.88 -16.35 -7.73
CA ILE C 69 -33.65 -15.11 -8.47
C ILE C 69 -33.41 -15.44 -9.93
N SER C 70 -33.86 -14.56 -10.80
CA SER C 70 -33.64 -14.75 -12.22
C SER C 70 -33.60 -13.40 -12.91
N ARG C 71 -33.12 -13.39 -14.15
CA ARG C 71 -33.03 -12.14 -14.89
C ARG C 71 -33.38 -12.36 -16.35
N ASP C 72 -33.88 -11.30 -16.96
CA ASP C 72 -34.24 -11.23 -18.37
C ASP C 72 -33.29 -10.23 -19.01
N ASN C 73 -32.21 -10.71 -19.63
CA ASN C 73 -31.20 -9.82 -20.19
C ASN C 73 -31.72 -8.97 -21.36
N ALA C 74 -32.78 -9.42 -22.06
CA ALA C 74 -33.35 -8.60 -23.12
C ALA C 74 -34.13 -7.42 -22.56
N LYS C 75 -34.72 -7.57 -21.38
CA LYS C 75 -35.59 -6.55 -20.80
C LYS C 75 -34.95 -5.79 -19.65
N ASN C 76 -33.68 -6.06 -19.31
CA ASN C 76 -33.05 -5.37 -18.19
C ASN C 76 -33.90 -5.50 -16.93
N THR C 77 -34.47 -6.68 -16.72
CA THR C 77 -35.37 -6.93 -15.62
C THR C 77 -34.86 -8.09 -14.76
N VAL C 78 -35.03 -7.97 -13.45
CA VAL C 78 -34.60 -9.01 -12.51
C VAL C 78 -35.81 -9.44 -11.68
N TYR C 79 -35.90 -10.74 -11.39
CA TYR C 79 -37.06 -11.30 -10.71
C TYR C 79 -36.64 -12.06 -9.46
N LEU C 80 -37.52 -12.07 -8.47
CA LEU C 80 -37.34 -12.84 -7.24
C LEU C 80 -38.64 -13.61 -6.98
N GLN C 81 -38.61 -14.91 -7.23
CA GLN C 81 -39.73 -15.81 -6.94
C GLN C 81 -39.61 -16.27 -5.49
N MET C 82 -40.57 -15.86 -4.66
CA MET C 82 -40.53 -16.17 -3.23
C MET C 82 -41.55 -17.26 -2.93
N ASN C 83 -41.07 -18.42 -2.48
CA ASN C 83 -41.91 -19.53 -2.08
C ASN C 83 -41.81 -19.78 -0.58
N ASP C 84 -42.69 -20.63 -0.07
CA ASP C 84 -42.74 -21.01 1.34
C ASP C 84 -42.44 -19.81 2.25
N LEU C 85 -43.21 -18.74 2.08
CA LEU C 85 -42.96 -17.52 2.83
C LEU C 85 -43.27 -17.69 4.32
N LYS C 86 -42.47 -17.03 5.15
CA LYS C 86 -42.49 -17.02 6.61
C LYS C 86 -42.60 -15.57 7.07
N PRO C 87 -43.18 -15.33 8.24
CA PRO C 87 -43.29 -13.94 8.73
C PRO C 87 -41.96 -13.19 8.75
N GLU C 88 -40.84 -13.88 9.01
CA GLU C 88 -39.53 -13.21 8.99
C GLU C 88 -39.26 -12.57 7.64
N ASP C 89 -39.89 -13.08 6.58
CA ASP C 89 -39.70 -12.54 5.24
C ASP C 89 -40.41 -11.21 5.03
N THR C 90 -41.13 -10.74 6.05
CA THR C 90 -41.82 -9.46 5.96
C THR C 90 -40.78 -8.34 5.96
N ALA C 91 -40.73 -7.59 4.87
CA ALA C 91 -39.78 -6.50 4.73
C ALA C 91 -40.18 -5.68 3.51
N VAL C 92 -39.51 -4.55 3.32
CA VAL C 92 -39.54 -3.83 2.05
C VAL C 92 -38.37 -4.33 1.22
N TYR C 93 -38.67 -4.79 0.00
CA TYR C 93 -37.67 -5.36 -0.89
C TYR C 93 -37.21 -4.34 -1.92
N TYR C 94 -35.89 -4.28 -2.15
CA TYR C 94 -35.25 -3.43 -3.15
C TYR C 94 -34.31 -4.27 -4.01
N CYS C 95 -34.15 -3.82 -5.24
CA CYS C 95 -33.23 -4.40 -6.20
C CYS C 95 -32.14 -3.39 -6.52
N ASN C 96 -30.98 -3.91 -6.94
CA ASN C 96 -29.82 -3.07 -7.26
C ASN C 96 -28.71 -3.94 -7.85
N ALA C 97 -27.64 -3.29 -8.29
CA ALA C 97 -26.38 -3.96 -8.62
C ALA C 97 -25.69 -4.42 -7.34
N VAL C 98 -24.94 -5.53 -7.44
CA VAL C 98 -24.61 -6.28 -6.22
C VAL C 98 -23.78 -5.47 -5.23
N PRO C 99 -22.69 -4.84 -5.62
CA PRO C 99 -22.21 -3.75 -4.77
C PRO C 99 -23.21 -2.63 -4.99
N GLY C 100 -24.15 -2.50 -4.05
CA GLY C 100 -25.26 -1.60 -4.25
C GLY C 100 -24.81 -0.16 -4.41
N ARG C 101 -25.50 0.56 -5.30
CA ARG C 101 -25.13 1.94 -5.56
C ARG C 101 -25.62 2.79 -4.38
N ARG C 102 -24.71 3.36 -3.65
CA ARG C 102 -25.13 4.06 -2.47
C ARG C 102 -26.10 5.10 -2.91
N GLY C 103 -25.85 5.70 -4.04
CA GLY C 103 -26.77 6.68 -4.49
C GLY C 103 -28.16 6.29 -4.90
N SER C 104 -28.33 5.26 -5.71
CA SER C 104 -29.67 5.03 -6.24
C SER C 104 -30.52 3.86 -5.87
N TRP C 105 -31.39 4.07 -4.94
CA TRP C 105 -32.34 3.07 -4.47
C TRP C 105 -33.74 3.49 -4.88
N GLY C 106 -34.42 2.62 -5.61
CA GLY C 106 -35.79 2.83 -5.96
C GLY C 106 -36.66 2.84 -4.72
N GLN C 107 -37.96 2.92 -4.90
CA GLN C 107 -38.84 2.98 -3.73
C GLN C 107 -38.93 1.65 -2.98
N GLY C 108 -38.63 0.52 -3.63
CA GLY C 108 -38.84 -0.79 -3.04
C GLY C 108 -40.25 -1.31 -3.29
N THR C 109 -40.57 -2.46 -2.72
CA THR C 109 -41.88 -3.05 -2.83
C THR C 109 -42.25 -3.69 -1.52
N GLN C 110 -43.28 -3.26 -0.84
CA GLN C 110 -43.64 -3.79 0.46
C GLN C 110 -44.11 -5.25 0.35
N VAL C 111 -43.62 -6.11 1.25
CA VAL C 111 -44.03 -7.51 1.35
C VAL C 111 -44.40 -7.83 2.80
N THR C 112 -45.61 -8.37 3.01
CA THR C 112 -46.11 -8.70 4.34
C THR C 112 -46.55 -10.15 4.39
N VAL C 113 -46.13 -10.85 5.45
CA VAL C 113 -46.46 -12.26 5.67
C VAL C 113 -47.01 -12.38 7.10
N SER C 114 -48.23 -12.91 7.24
CA SER C 114 -48.81 -13.16 8.56
C SER C 114 -50.14 -13.89 8.38
N SER C 115 -50.76 -14.23 9.51
CA SER C 115 -52.05 -14.94 9.50
C SER C 115 -53.03 -14.26 10.44
N GLN D 3 -44.68 -40.76 -16.59
CA GLN D 3 -43.89 -40.31 -15.46
C GLN D 3 -43.04 -39.06 -15.82
N LEU D 4 -42.77 -38.84 -17.11
CA LEU D 4 -42.21 -37.59 -17.63
C LEU D 4 -43.03 -37.06 -18.79
N GLN D 5 -43.15 -35.75 -18.88
CA GLN D 5 -44.00 -35.10 -19.87
C GLN D 5 -43.30 -33.83 -20.32
N GLU D 6 -42.77 -33.82 -21.54
CA GLU D 6 -42.09 -32.65 -22.07
C GLU D 6 -42.97 -31.89 -23.06
N SER D 7 -42.85 -30.57 -23.01
CA SER D 7 -43.61 -29.67 -23.88
C SER D 7 -42.78 -28.41 -24.13
N GLY D 8 -43.24 -27.59 -25.09
CA GLY D 8 -42.65 -26.28 -25.30
C GLY D 8 -41.73 -26.14 -26.51
N GLY D 9 -41.34 -27.24 -27.13
CA GLY D 9 -40.50 -27.19 -28.30
C GLY D 9 -41.26 -26.66 -29.50
N GLY D 10 -40.55 -26.60 -30.62
CA GLY D 10 -41.15 -26.15 -31.85
C GLY D 10 -40.09 -25.56 -32.76
N LEU D 11 -40.55 -24.72 -33.67
CA LEU D 11 -39.73 -24.09 -34.70
C LEU D 11 -39.49 -22.62 -34.35
N VAL D 12 -38.25 -22.17 -34.51
CA VAL D 12 -37.87 -20.84 -34.02
C VAL D 12 -36.79 -20.24 -34.90
N GLN D 13 -36.74 -18.90 -34.95
CA GLN D 13 -35.72 -18.25 -35.73
C GLN D 13 -34.43 -18.14 -34.92
N PRO D 14 -33.28 -18.14 -35.59
CA PRO D 14 -32.03 -17.87 -34.90
C PRO D 14 -32.12 -16.57 -34.11
N GLY D 15 -31.64 -16.61 -32.87
CA GLY D 15 -31.80 -15.48 -32.00
C GLY D 15 -33.07 -15.47 -31.17
N GLY D 16 -33.96 -16.44 -31.36
CA GLY D 16 -35.23 -16.47 -30.68
C GLY D 16 -35.15 -17.07 -29.29
N SER D 17 -36.33 -17.32 -28.73
CA SER D 17 -36.49 -17.88 -27.38
C SER D 17 -37.47 -19.05 -27.37
N LEU D 18 -37.31 -19.89 -26.36
CA LEU D 18 -38.23 -20.99 -26.13
C LEU D 18 -38.15 -21.27 -24.64
N ARG D 19 -39.24 -21.78 -24.07
CA ARG D 19 -39.27 -22.23 -22.69
C ARG D 19 -39.78 -23.67 -22.70
N LEU D 20 -38.93 -24.61 -22.37
CA LEU D 20 -39.36 -25.99 -22.26
C LEU D 20 -39.91 -26.27 -20.85
N SER D 21 -40.82 -27.24 -20.76
CA SER D 21 -41.35 -27.73 -19.50
C SER D 21 -41.25 -29.23 -19.45
N CYS D 22 -41.03 -29.71 -18.24
CA CYS D 22 -40.94 -31.13 -17.98
C CYS D 22 -41.74 -31.34 -16.72
N ALA D 23 -42.80 -32.12 -16.82
CA ALA D 23 -43.63 -32.48 -15.69
C ALA D 23 -43.22 -33.87 -15.23
N ALA D 24 -42.75 -33.99 -13.99
CA ALA D 24 -42.26 -35.26 -13.50
C ALA D 24 -43.12 -35.77 -12.35
N SER D 25 -43.03 -37.06 -12.13
CA SER D 25 -43.73 -37.65 -11.00
C SER D 25 -42.92 -37.37 -9.73
N GLY D 26 -43.61 -37.40 -8.60
CA GLY D 26 -42.98 -37.00 -7.35
C GLY D 26 -41.80 -37.85 -6.95
N SER D 27 -41.80 -39.14 -7.32
CA SER D 27 -40.68 -40.00 -6.97
C SER D 27 -39.41 -39.61 -7.74
N ILE D 28 -39.54 -39.30 -9.03
CA ILE D 28 -38.39 -38.88 -9.82
C ILE D 28 -37.85 -37.54 -9.34
N PHE D 29 -38.73 -36.61 -8.98
CA PHE D 29 -38.39 -35.19 -8.84
C PHE D 29 -38.04 -34.80 -7.41
N SER D 30 -38.95 -35.02 -6.47
CA SER D 30 -38.83 -34.42 -5.14
C SER D 30 -37.53 -34.81 -4.45
N ASP D 31 -36.72 -33.80 -4.12
CA ASP D 31 -35.43 -33.82 -3.44
C ASP D 31 -34.28 -34.21 -4.36
N ASN D 32 -34.51 -34.44 -5.65
CA ASN D 32 -33.48 -34.91 -6.56
C ASN D 32 -33.06 -33.81 -7.51
N ASP D 33 -31.80 -33.83 -7.94
CA ASP D 33 -31.38 -32.91 -9.01
C ASP D 33 -32.10 -33.29 -10.29
N MET D 34 -32.54 -32.30 -11.03
CA MET D 34 -33.18 -32.52 -12.30
C MET D 34 -32.36 -31.83 -13.37
N GLY D 35 -32.36 -32.38 -14.57
CA GLY D 35 -31.54 -31.81 -15.61
C GLY D 35 -32.19 -31.96 -16.96
N TRP D 36 -31.73 -31.12 -17.89
CA TRP D 36 -32.15 -31.19 -19.28
C TRP D 36 -31.04 -31.79 -20.12
N TYR D 37 -31.40 -32.63 -21.07
CA TYR D 37 -30.46 -33.22 -22.01
C TYR D 37 -30.97 -32.92 -23.41
N ARG D 38 -30.12 -33.09 -24.40
CA ARG D 38 -30.60 -32.90 -25.76
C ARG D 38 -29.85 -33.85 -26.66
N GLN D 39 -30.53 -34.30 -27.72
CA GLN D 39 -29.95 -35.25 -28.67
C GLN D 39 -29.91 -34.64 -30.08
N PRO D 40 -28.77 -34.11 -30.51
CA PRO D 40 -28.70 -33.50 -31.84
C PRO D 40 -28.78 -34.56 -32.92
N PRO D 41 -29.22 -34.18 -34.12
CA PRO D 41 -29.46 -35.19 -35.18
C PRO D 41 -28.24 -36.05 -35.45
N GLY D 42 -28.47 -37.37 -35.50
CA GLY D 42 -27.42 -38.32 -35.78
C GLY D 42 -26.35 -38.44 -34.71
N LYS D 43 -26.49 -37.73 -33.60
CA LYS D 43 -25.49 -37.70 -32.53
C LYS D 43 -26.07 -38.35 -31.28
N GLN D 44 -25.24 -38.46 -30.26
CA GLN D 44 -25.62 -39.10 -29.02
C GLN D 44 -26.17 -38.10 -28.02
N ARG D 45 -26.98 -38.58 -27.09
CA ARG D 45 -27.66 -37.70 -26.14
C ARG D 45 -26.66 -37.08 -25.16
N GLU D 46 -26.68 -35.74 -25.06
CA GLU D 46 -25.68 -35.02 -24.29
C GLU D 46 -26.33 -34.26 -23.15
N TRP D 47 -25.57 -34.13 -22.05
CA TRP D 47 -26.00 -33.33 -20.91
C TRP D 47 -25.92 -31.85 -21.23
N VAL D 48 -26.81 -31.07 -20.61
CA VAL D 48 -26.95 -29.66 -20.95
C VAL D 48 -26.95 -28.78 -19.70
N ALA D 49 -27.79 -29.10 -18.71
CA ALA D 49 -27.86 -28.30 -17.49
C ALA D 49 -28.51 -29.09 -16.35
N THR D 50 -28.24 -28.63 -15.12
CA THR D 50 -28.71 -29.28 -13.89
C THR D 50 -29.24 -28.25 -12.90
N ILE D 51 -30.27 -28.62 -12.12
CA ILE D 51 -30.68 -27.75 -11.00
C ILE D 51 -31.00 -28.61 -9.80
N THR D 52 -30.51 -28.20 -8.64
CA THR D 52 -30.73 -28.98 -7.43
C THR D 52 -32.08 -28.62 -6.82
N TYR D 53 -32.51 -29.42 -5.86
CA TYR D 53 -33.74 -29.09 -5.16
C TYR D 53 -33.72 -27.67 -4.57
N ASP D 54 -32.55 -27.17 -4.17
CA ASP D 54 -32.47 -25.81 -3.61
C ASP D 54 -31.94 -24.81 -4.63
N HIS D 55 -32.08 -25.10 -5.92
CA HIS D 55 -31.99 -24.11 -6.98
C HIS D 55 -30.54 -23.70 -7.29
N VAL D 56 -29.57 -24.57 -7.01
CA VAL D 56 -28.22 -24.39 -7.55
C VAL D 56 -28.18 -24.95 -8.97
N THR D 57 -27.59 -24.20 -9.89
CA THR D 57 -27.60 -24.55 -11.31
C THR D 57 -26.19 -24.63 -11.85
N TRP D 58 -26.01 -25.41 -12.91
CA TRP D 58 -24.78 -25.34 -13.70
C TRP D 58 -25.10 -25.85 -15.10
N TYR D 59 -24.29 -25.43 -16.09
CA TYR D 59 -24.65 -25.60 -17.49
C TYR D 59 -23.46 -26.06 -18.32
N ALA D 60 -23.77 -26.71 -19.44
CA ALA D 60 -22.74 -27.11 -20.39
C ALA D 60 -22.11 -25.86 -21.01
N ASP D 61 -20.88 -26.00 -21.51
CA ASP D 61 -20.25 -24.80 -22.05
C ASP D 61 -21.06 -24.20 -23.19
N SER D 62 -21.52 -25.04 -24.12
CA SER D 62 -22.15 -24.54 -25.33
C SER D 62 -23.42 -23.75 -25.06
N VAL D 63 -24.04 -23.92 -23.90
CA VAL D 63 -25.29 -23.23 -23.59
C VAL D 63 -25.17 -22.23 -22.43
N LYS D 64 -24.08 -22.28 -21.66
CA LYS D 64 -23.94 -21.42 -20.48
C LYS D 64 -24.10 -19.96 -20.89
N GLY D 65 -24.90 -19.22 -20.11
CA GLY D 65 -25.15 -17.81 -20.35
C GLY D 65 -26.35 -17.49 -21.23
N ARG D 66 -26.84 -18.45 -22.03
CA ARG D 66 -28.02 -18.29 -22.89
C ARG D 66 -29.23 -19.06 -22.38
N PHE D 67 -29.03 -20.24 -21.78
CA PHE D 67 -30.13 -21.02 -21.22
C PHE D 67 -30.21 -20.78 -19.72
N ALA D 68 -31.42 -20.90 -19.16
CA ALA D 68 -31.64 -20.78 -17.72
C ALA D 68 -32.59 -21.86 -17.25
N ILE D 69 -32.12 -22.72 -16.36
CA ILE D 69 -32.92 -23.81 -15.83
C ILE D 69 -33.54 -23.36 -14.52
N SER D 70 -34.78 -23.80 -14.30
CA SER D 70 -35.51 -23.47 -13.08
C SER D 70 -36.43 -24.63 -12.75
N ARG D 71 -36.95 -24.63 -11.53
CA ARG D 71 -37.87 -25.69 -11.12
C ARG D 71 -38.93 -25.09 -10.20
N ASP D 72 -40.09 -25.72 -10.22
CA ASP D 72 -41.21 -25.40 -9.35
C ASP D 72 -41.44 -26.62 -8.45
N ASN D 73 -40.92 -26.55 -7.21
CA ASN D 73 -41.00 -27.71 -6.34
C ASN D 73 -42.45 -28.08 -6.00
N ALA D 74 -43.37 -27.11 -5.99
CA ALA D 74 -44.77 -27.45 -5.68
C ALA D 74 -45.45 -28.20 -6.82
N LYS D 75 -45.00 -27.99 -8.07
CA LYS D 75 -45.60 -28.63 -9.23
C LYS D 75 -44.75 -29.75 -9.82
N ASN D 76 -43.61 -30.09 -9.20
CA ASN D 76 -42.72 -31.14 -9.68
C ASN D 76 -42.39 -30.91 -11.14
N THR D 77 -42.15 -29.66 -11.50
CA THR D 77 -41.92 -29.31 -12.89
C THR D 77 -40.56 -28.67 -13.04
N VAL D 78 -39.90 -28.95 -14.16
CA VAL D 78 -38.61 -28.36 -14.49
C VAL D 78 -38.77 -27.60 -15.80
N TYR D 79 -38.15 -26.43 -15.86
CA TYR D 79 -38.26 -25.54 -16.99
C TYR D 79 -36.87 -25.21 -17.48
N LEU D 80 -36.78 -24.98 -18.80
CA LEU D 80 -35.54 -24.55 -19.45
C LEU D 80 -35.85 -23.37 -20.35
N GLN D 81 -35.42 -22.18 -19.93
CA GLN D 81 -35.57 -20.97 -20.72
C GLN D 81 -34.39 -20.85 -21.67
N MET D 82 -34.67 -20.87 -22.97
CA MET D 82 -33.64 -20.85 -24.01
C MET D 82 -33.67 -19.50 -24.72
N ASN D 83 -32.58 -18.76 -24.60
CA ASN D 83 -32.47 -17.45 -25.25
C ASN D 83 -31.38 -17.49 -26.31
N ASP D 84 -31.31 -16.45 -27.12
CA ASP D 84 -30.30 -16.35 -28.18
C ASP D 84 -30.03 -17.69 -28.86
N LEU D 85 -31.10 -18.31 -29.37
CA LEU D 85 -30.96 -19.64 -29.95
C LEU D 85 -30.13 -19.62 -31.24
N LYS D 86 -29.36 -20.68 -31.46
CA LYS D 86 -28.44 -20.90 -32.57
C LYS D 86 -28.80 -22.20 -33.28
N PRO D 87 -28.48 -22.33 -34.57
CA PRO D 87 -28.78 -23.59 -35.27
C PRO D 87 -28.20 -24.83 -34.60
N GLU D 88 -27.05 -24.69 -33.96
CA GLU D 88 -26.43 -25.79 -33.23
C GLU D 88 -27.35 -26.34 -32.14
N ASP D 89 -28.25 -25.52 -31.60
CA ASP D 89 -29.07 -26.02 -30.52
C ASP D 89 -30.17 -26.98 -31.00
N THR D 90 -30.33 -27.20 -32.30
CA THR D 90 -31.38 -28.08 -32.78
C THR D 90 -31.12 -29.52 -32.32
N ALA D 91 -32.08 -30.06 -31.57
CA ALA D 91 -32.07 -31.44 -31.08
C ALA D 91 -33.42 -31.73 -30.45
N VAL D 92 -33.61 -32.98 -30.07
CA VAL D 92 -34.70 -33.35 -29.18
C VAL D 92 -34.22 -33.15 -27.74
N TYR D 93 -34.97 -32.39 -26.97
CA TYR D 93 -34.60 -32.09 -25.60
C TYR D 93 -35.32 -33.03 -24.65
N TYR D 94 -34.60 -33.51 -23.65
CA TYR D 94 -35.15 -34.40 -22.65
C TYR D 94 -34.80 -33.92 -21.26
N CYS D 95 -35.73 -34.13 -20.36
CA CYS D 95 -35.51 -33.84 -18.95
C CYS D 95 -35.46 -35.16 -18.21
N ASN D 96 -34.79 -35.19 -17.08
CA ASN D 96 -34.68 -36.38 -16.27
C ASN D 96 -34.06 -36.05 -14.93
N ALA D 97 -34.02 -37.03 -14.06
CA ALA D 97 -33.35 -36.84 -12.79
C ALA D 97 -31.92 -36.82 -13.14
N VAL D 98 -31.12 -36.10 -12.39
CA VAL D 98 -29.82 -35.82 -12.90
C VAL D 98 -28.78 -36.78 -13.32
N PRO D 99 -28.69 -37.93 -12.70
CA PRO D 99 -27.81 -38.86 -13.35
C PRO D 99 -28.86 -39.57 -14.13
N GLY D 100 -28.90 -39.41 -15.43
CA GLY D 100 -29.97 -40.01 -16.19
C GLY D 100 -29.78 -41.47 -16.39
N ARG D 101 -30.80 -42.26 -16.11
CA ARG D 101 -30.67 -43.70 -16.12
C ARG D 101 -31.24 -44.31 -17.40
N ARG D 102 -30.49 -45.22 -18.01
CA ARG D 102 -30.88 -45.75 -19.30
C ARG D 102 -32.20 -46.51 -19.20
N GLY D 103 -33.12 -46.22 -20.12
CA GLY D 103 -34.44 -46.81 -20.11
C GLY D 103 -35.52 -46.03 -19.40
N SER D 104 -35.19 -44.86 -18.85
CA SER D 104 -36.11 -44.06 -18.05
C SER D 104 -36.44 -42.73 -18.72
N TRP D 105 -36.38 -42.69 -20.05
CA TRP D 105 -36.51 -41.45 -20.79
C TRP D 105 -37.93 -41.22 -21.31
N GLY D 106 -38.23 -39.95 -21.58
CA GLY D 106 -39.50 -39.56 -22.15
C GLY D 106 -39.40 -39.38 -23.65
N GLN D 107 -40.51 -38.97 -24.25
CA GLN D 107 -40.51 -38.80 -25.69
C GLN D 107 -39.71 -37.59 -26.13
N GLY D 108 -39.51 -36.62 -25.21
CA GLY D 108 -38.75 -35.44 -25.52
C GLY D 108 -39.57 -34.36 -26.20
N THR D 109 -38.88 -33.26 -26.53
CA THR D 109 -39.45 -32.16 -27.30
C THR D 109 -38.46 -31.73 -28.36
N GLN D 110 -38.87 -31.81 -29.63
CA GLN D 110 -38.00 -31.36 -30.71
C GLN D 110 -37.90 -29.84 -30.77
N VAL D 111 -36.69 -29.36 -30.97
CA VAL D 111 -36.40 -27.93 -31.15
C VAL D 111 -35.68 -27.77 -32.49
N THR D 112 -36.20 -26.91 -33.35
CA THR D 112 -35.58 -26.66 -34.64
C THR D 112 -35.35 -25.16 -34.78
N VAL D 113 -34.16 -24.78 -35.24
CA VAL D 113 -33.79 -23.38 -35.43
C VAL D 113 -33.31 -23.17 -36.86
N SER D 114 -33.99 -22.27 -37.59
CA SER D 114 -33.53 -21.79 -38.89
C SER D 114 -34.51 -20.76 -39.46
N LEU E 2 -24.82 -47.45 -21.85
CA LEU E 2 -23.62 -47.49 -21.01
C LEU E 2 -22.61 -46.43 -21.44
N GLU E 3 -22.24 -46.42 -22.72
CA GLU E 3 -21.35 -45.39 -23.25
C GLU E 3 -21.92 -43.98 -23.06
N GLU E 4 -23.22 -43.79 -23.35
CA GLU E 4 -23.81 -42.47 -23.24
C GLU E 4 -23.68 -41.88 -21.85
N GLU E 5 -24.12 -42.64 -20.84
CA GLU E 5 -24.10 -42.13 -19.47
C GLU E 5 -22.70 -41.67 -19.06
N LEU E 6 -21.65 -42.29 -19.63
CA LEU E 6 -20.29 -41.95 -19.25
C LEU E 6 -19.95 -40.52 -19.69
N LYS E 7 -20.14 -40.21 -20.97
CA LYS E 7 -19.84 -38.87 -21.42
C LYS E 7 -20.71 -37.84 -20.68
N GLN E 8 -21.94 -38.18 -20.35
CA GLN E 8 -22.81 -37.24 -19.64
C GLN E 8 -22.26 -36.93 -18.28
N LEU E 9 -21.76 -37.94 -17.58
CA LEU E 9 -21.18 -37.69 -16.27
C LEU E 9 -19.94 -36.82 -16.40
N GLU E 10 -19.01 -37.21 -17.30
CA GLU E 10 -17.78 -36.45 -17.53
C GLU E 10 -18.10 -35.01 -17.92
N GLU E 11 -19.00 -34.86 -18.82
CA GLU E 11 -19.34 -33.58 -19.27
C GLU E 11 -19.91 -32.75 -18.20
N GLU E 12 -20.76 -33.29 -17.38
CA GLU E 12 -21.37 -32.51 -16.32
C GLU E 12 -20.41 -32.23 -15.17
N LEU E 13 -19.57 -33.23 -14.79
CA LEU E 13 -18.54 -32.99 -13.78
C LEU E 13 -17.59 -31.88 -14.20
N GLN E 14 -17.17 -31.89 -15.47
CA GLN E 14 -16.35 -30.80 -15.95
C GLN E 14 -17.07 -29.47 -15.83
N ALA E 15 -18.37 -29.44 -16.10
CA ALA E 15 -19.13 -28.20 -15.93
C ALA E 15 -19.14 -27.75 -14.49
N ILE E 16 -19.16 -28.69 -13.54
CA ILE E 16 -19.15 -28.28 -12.14
C ILE E 16 -17.80 -27.69 -11.80
N GLU E 17 -16.72 -28.33 -12.27
CA GLU E 17 -15.38 -27.81 -12.00
C GLU E 17 -15.25 -26.39 -12.53
N GLU E 18 -15.84 -26.13 -13.72
CA GLU E 18 -15.79 -24.80 -14.32
C GLU E 18 -16.52 -23.78 -13.46
N GLN E 19 -17.68 -24.14 -12.92
CA GLN E 19 -18.39 -23.20 -12.04
C GLN E 19 -17.62 -22.97 -10.75
N LEU E 20 -16.98 -24.02 -10.20
CA LEU E 20 -16.14 -23.83 -9.04
C LEU E 20 -15.08 -22.76 -9.29
N ALA E 21 -14.32 -22.92 -10.39
CA ALA E 21 -13.34 -21.92 -10.78
C ALA E 21 -13.98 -20.54 -10.92
N GLN E 22 -15.12 -20.46 -11.61
CA GLN E 22 -15.78 -19.16 -11.78
C GLN E 22 -16.17 -18.55 -10.43
N LEU E 23 -16.72 -19.36 -9.52
CA LEU E 23 -17.10 -18.83 -8.21
C LEU E 23 -15.87 -18.51 -7.39
N GLN E 24 -14.85 -19.35 -7.47
CA GLN E 24 -13.58 -18.98 -6.86
C GLN E 24 -13.20 -17.55 -7.28
N TRP E 25 -13.23 -17.27 -8.60
CA TRP E 25 -12.81 -15.94 -9.05
C TRP E 25 -13.74 -14.86 -8.53
N LYS E 26 -15.06 -15.13 -8.50
CA LYS E 26 -15.98 -14.13 -7.95
C LYS E 26 -15.63 -13.85 -6.49
N ALA E 27 -15.37 -14.90 -5.71
CA ALA E 27 -15.02 -14.70 -4.30
C ALA E 27 -13.82 -13.79 -4.14
N GLN E 28 -12.76 -14.05 -4.89
CA GLN E 28 -11.59 -13.19 -4.80
C GLN E 28 -11.95 -11.74 -5.09
N ALA E 29 -12.77 -11.51 -6.10
CA ALA E 29 -13.14 -10.14 -6.45
C ALA E 29 -13.92 -9.49 -5.33
N ARG E 30 -14.83 -10.25 -4.71
CA ARG E 30 -15.63 -9.69 -3.61
C ARG E 30 -14.78 -9.51 -2.36
N LYS E 31 -13.91 -10.46 -2.05
CA LYS E 31 -13.00 -10.28 -0.91
C LYS E 31 -12.19 -8.99 -1.06
N GLU E 32 -11.68 -8.74 -2.27
CA GLU E 32 -10.93 -7.51 -2.50
C GLU E 32 -11.81 -6.28 -2.34
N LYS E 33 -13.03 -6.31 -2.87
CA LYS E 33 -13.90 -5.14 -2.73
C LYS E 33 -14.15 -4.84 -1.28
N LEU E 34 -14.30 -5.90 -0.47
CA LEU E 34 -14.53 -5.75 0.97
C LEU E 34 -13.33 -5.10 1.65
N ALA E 35 -12.12 -5.52 1.29
CA ALA E 35 -10.94 -4.86 1.86
C ALA E 35 -10.91 -3.38 1.52
N GLN E 36 -11.20 -3.02 0.26
CA GLN E 36 -11.16 -1.60 -0.11
C GLN E 36 -12.17 -0.80 0.68
N LEU E 37 -13.36 -1.37 0.90
CA LEU E 37 -14.33 -0.67 1.72
C LEU E 37 -13.81 -0.48 3.14
N LYS E 38 -13.22 -1.54 3.70
CA LYS E 38 -12.67 -1.45 5.04
C LYS E 38 -11.65 -0.33 5.13
N GLU E 39 -10.76 -0.20 4.13
CA GLU E 39 -9.79 0.90 4.18
C GLU E 39 -10.45 2.25 4.05
N LYS E 40 -11.58 2.36 3.34
CA LYS E 40 -12.23 3.66 3.21
C LYS E 40 -12.81 4.14 4.53
N LEU E 41 -13.05 3.24 5.48
CA LEU E 41 -13.43 3.61 6.84
C LEU E 41 -12.29 4.25 7.62
N LEU F 2 -21.91 3.75 4.38
CA LEU F 2 -20.72 2.91 4.25
C LEU F 2 -20.86 1.63 5.07
N GLU F 3 -21.23 1.75 6.35
CA GLU F 3 -21.43 0.56 7.19
C GLU F 3 -22.45 -0.41 6.60
N GLU F 4 -23.58 0.11 6.09
CA GLU F 4 -24.59 -0.76 5.50
C GLU F 4 -24.02 -1.55 4.32
N GLU F 5 -23.33 -0.87 3.41
CA GLU F 5 -22.71 -1.55 2.28
C GLU F 5 -21.77 -2.63 2.75
N LEU F 6 -21.13 -2.43 3.90
CA LEU F 6 -20.13 -3.36 4.40
C LEU F 6 -20.76 -4.68 4.85
N LYS F 7 -21.81 -4.62 5.67
CA LYS F 7 -22.45 -5.87 6.08
C LYS F 7 -22.97 -6.63 4.87
N GLN F 8 -23.43 -5.91 3.84
CA GLN F 8 -23.90 -6.58 2.63
C GLN F 8 -22.77 -7.33 1.92
N LEU F 9 -21.59 -6.72 1.82
CA LEU F 9 -20.46 -7.42 1.20
C LEU F 9 -20.10 -8.67 1.99
N GLU F 10 -19.95 -8.54 3.30
CA GLU F 10 -19.62 -9.69 4.15
C GLU F 10 -20.68 -10.76 4.05
N GLU F 11 -21.94 -10.41 4.26
CA GLU F 11 -22.97 -11.44 4.23
C GLU F 11 -23.00 -12.15 2.88
N GLU F 12 -22.76 -11.42 1.78
CA GLU F 12 -22.77 -12.08 0.47
C GLU F 12 -21.53 -12.94 0.25
N LEU F 13 -20.37 -12.45 0.67
CA LEU F 13 -19.18 -13.28 0.52
C LEU F 13 -19.34 -14.59 1.27
N GLN F 14 -19.92 -14.54 2.47
CA GLN F 14 -20.14 -15.79 3.20
C GLN F 14 -21.02 -16.72 2.39
N ALA F 15 -22.03 -16.18 1.71
CA ALA F 15 -22.91 -17.00 0.88
C ALA F 15 -22.15 -17.63 -0.29
N ILE F 16 -21.19 -16.89 -0.86
CA ILE F 16 -20.43 -17.45 -1.98
C ILE F 16 -19.54 -18.58 -1.50
N GLU F 17 -18.85 -18.38 -0.37
CA GLU F 17 -18.03 -19.44 0.21
C GLU F 17 -18.88 -20.65 0.55
N GLU F 18 -20.10 -20.42 1.04
CA GLU F 18 -21.01 -21.53 1.33
C GLU F 18 -21.38 -22.31 0.06
N GLN F 19 -21.66 -21.59 -1.05
CA GLN F 19 -21.99 -22.33 -2.26
C GLN F 19 -20.78 -23.04 -2.85
N LEU F 20 -19.59 -22.46 -2.72
CA LEU F 20 -18.40 -23.19 -3.12
C LEU F 20 -18.32 -24.55 -2.41
N ALA F 21 -18.47 -24.55 -1.08
CA ALA F 21 -18.46 -25.82 -0.35
C ALA F 21 -19.50 -26.77 -0.90
N GLN F 22 -20.74 -26.27 -1.08
CA GLN F 22 -21.81 -27.11 -1.62
C GLN F 22 -21.47 -27.64 -3.01
N LEU F 23 -20.88 -26.81 -3.87
CA LEU F 23 -20.50 -27.29 -5.20
C LEU F 23 -19.33 -28.26 -5.15
N GLN F 24 -18.34 -28.00 -4.29
CA GLN F 24 -17.26 -28.96 -4.13
C GLN F 24 -17.82 -30.34 -3.82
N TRP F 25 -18.71 -30.41 -2.83
CA TRP F 25 -19.28 -31.69 -2.44
C TRP F 25 -20.05 -32.30 -3.60
N LYS F 26 -20.73 -31.45 -4.37
CA LYS F 26 -21.45 -31.94 -5.55
C LYS F 26 -20.49 -32.60 -6.53
N ALA F 27 -19.37 -31.94 -6.82
CA ALA F 27 -18.38 -32.54 -7.71
C ALA F 27 -17.86 -33.87 -7.15
N GLN F 28 -17.51 -33.89 -5.87
CA GLN F 28 -17.03 -35.13 -5.28
C GLN F 28 -18.05 -36.24 -5.45
N ALA F 29 -19.32 -35.95 -5.19
CA ALA F 29 -20.35 -36.96 -5.32
C ALA F 29 -20.47 -37.43 -6.76
N ARG F 30 -20.49 -36.48 -7.69
CA ARG F 30 -20.57 -36.79 -9.12
C ARG F 30 -19.31 -37.54 -9.58
N LYS F 31 -18.13 -37.14 -9.07
CA LYS F 31 -16.89 -37.86 -9.37
C LYS F 31 -16.96 -39.33 -8.95
N GLU F 32 -17.45 -39.59 -7.73
CA GLU F 32 -17.63 -40.97 -7.28
C GLU F 32 -18.65 -41.73 -8.13
N LYS F 33 -19.78 -41.08 -8.45
CA LYS F 33 -20.78 -41.76 -9.27
C LYS F 33 -20.19 -42.16 -10.63
N LEU F 34 -19.29 -41.33 -11.17
CA LEU F 34 -18.60 -41.66 -12.42
C LEU F 34 -17.66 -42.84 -12.25
N ALA F 35 -16.94 -42.90 -11.14
CA ALA F 35 -16.03 -44.02 -10.91
C ALA F 35 -16.78 -45.35 -10.87
N GLN F 36 -17.91 -45.39 -10.16
CA GLN F 36 -18.69 -46.62 -10.05
C GLN F 36 -19.22 -47.05 -11.41
N LEU F 37 -19.66 -46.09 -12.21
CA LEU F 37 -20.17 -46.42 -13.54
C LEU F 37 -19.06 -47.01 -14.42
N LYS F 38 -17.85 -46.43 -14.37
CA LYS F 38 -16.74 -46.98 -15.16
C LYS F 38 -16.45 -48.42 -14.78
N GLU F 39 -16.39 -48.70 -13.47
CA GLU F 39 -16.15 -50.08 -13.03
C GLU F 39 -17.37 -50.98 -13.22
N LYS F 40 -18.60 -50.44 -13.29
CA LYS F 40 -19.72 -51.32 -13.60
C LYS F 40 -19.58 -51.90 -15.00
N LEU F 41 -18.92 -51.16 -15.91
CA LEU F 41 -18.41 -51.67 -17.19
C LEU F 41 -19.28 -52.74 -17.85
N GLN G 1 6.18 12.41 -11.71
CA GLN G 1 6.18 10.99 -12.03
C GLN G 1 6.28 10.14 -10.77
N VAL G 2 7.11 10.55 -9.81
CA VAL G 2 7.19 9.86 -8.52
C VAL G 2 6.00 10.33 -7.69
N GLN G 3 4.93 9.53 -7.63
CA GLN G 3 3.77 9.85 -6.78
C GLN G 3 3.59 8.79 -5.70
N LEU G 4 3.83 9.19 -4.44
CA LEU G 4 3.62 8.28 -3.33
C LEU G 4 2.12 8.01 -3.07
N GLN G 5 1.82 6.76 -2.72
CA GLN G 5 0.47 6.28 -2.43
C GLN G 5 0.45 5.71 -1.02
N GLU G 6 -0.53 6.15 -0.22
CA GLU G 6 -0.74 5.67 1.14
C GLU G 6 -1.67 4.45 1.16
N SER G 7 -1.51 3.60 2.18
CA SER G 7 -2.35 2.41 2.39
C SER G 7 -2.45 2.08 3.87
N GLY G 8 -3.28 1.10 4.20
CA GLY G 8 -3.41 0.62 5.56
C GLY G 8 -4.40 1.35 6.45
N GLY G 9 -5.18 2.26 5.90
CA GLY G 9 -6.17 2.96 6.69
C GLY G 9 -7.32 2.07 7.06
N GLY G 10 -8.15 2.55 7.97
CA GLY G 10 -9.27 1.74 8.39
C GLY G 10 -9.87 2.23 9.68
N LEU G 11 -10.85 1.47 10.15
CA LEU G 11 -11.53 1.76 11.39
C LEU G 11 -10.95 0.85 12.47
N VAL G 12 -10.77 1.41 13.66
CA VAL G 12 -10.22 0.67 14.78
C VAL G 12 -10.77 1.28 16.06
N GLN G 13 -10.91 0.44 17.08
CA GLN G 13 -11.36 0.94 18.38
C GLN G 13 -10.21 1.57 19.15
N PRO G 14 -10.51 2.45 20.09
CA PRO G 14 -9.44 3.11 20.87
C PRO G 14 -8.54 2.10 21.57
N GLY G 15 -7.23 2.30 21.43
CA GLY G 15 -6.25 1.39 22.00
C GLY G 15 -5.68 0.39 21.02
N GLY G 16 -6.21 0.30 19.81
CA GLY G 16 -5.72 -0.60 18.80
C GLY G 16 -4.58 0.02 18.02
N SER G 17 -4.19 -0.66 16.95
CA SER G 17 -3.06 -0.23 16.17
C SER G 17 -3.31 -0.53 14.70
N LEU G 18 -2.61 0.21 13.85
CA LEU G 18 -2.67 0.08 12.41
C LEU G 18 -1.27 0.33 11.89
N ARG G 19 -0.94 -0.24 10.74
CA ARG G 19 0.31 0.07 10.05
C ARG G 19 -0.02 0.66 8.68
N LEU G 20 0.14 1.97 8.57
CA LEU G 20 0.08 2.62 7.28
C LEU G 20 1.36 2.36 6.52
N SER G 21 1.25 2.25 5.21
CA SER G 21 2.43 2.08 4.38
C SER G 21 2.41 3.12 3.26
N CYS G 22 3.62 3.56 2.90
CA CYS G 22 3.88 4.56 1.87
C CYS G 22 4.76 3.96 0.79
N ALA G 23 4.29 3.97 -0.45
CA ALA G 23 5.06 3.37 -1.52
C ALA G 23 4.75 4.08 -2.83
N ALA G 24 5.61 3.85 -3.81
CA ALA G 24 5.44 4.38 -5.15
C ALA G 24 6.02 3.31 -6.05
N PRO G 25 5.22 2.29 -6.35
CA PRO G 25 5.74 1.09 -6.99
C PRO G 25 6.61 1.42 -8.18
N GLY G 26 7.74 0.72 -8.28
CA GLY G 26 8.66 0.90 -9.38
C GLY G 26 9.53 2.12 -9.29
N PHE G 27 9.50 2.83 -8.16
CA PHE G 27 10.29 4.05 -7.91
C PHE G 27 11.10 3.88 -6.63
N ARG G 28 12.42 3.87 -6.75
CA ARG G 28 13.31 3.72 -5.59
C ARG G 28 13.14 4.92 -4.66
N LEU G 29 12.71 4.68 -3.42
CA LEU G 29 12.60 5.71 -2.40
C LEU G 29 13.87 5.89 -1.55
N ASP G 30 14.91 5.08 -1.79
CA ASP G 30 16.11 5.04 -0.94
C ASP G 30 16.66 6.43 -0.62
N ASN G 31 16.66 7.36 -1.57
CA ASN G 31 17.32 8.62 -1.33
C ASN G 31 16.38 9.74 -0.89
N TYR G 32 15.17 9.42 -0.45
CA TYR G 32 14.27 10.51 -0.10
C TYR G 32 14.00 10.52 1.38
N VAL G 33 14.12 11.70 1.98
CA VAL G 33 13.41 12.00 3.20
C VAL G 33 11.95 11.61 2.98
N ILE G 34 11.32 11.04 3.99
CA ILE G 34 9.89 10.70 3.92
C ILE G 34 9.20 11.19 5.17
N GLY G 35 8.07 11.83 5.00
CA GLY G 35 7.34 12.39 6.11
C GLY G 35 5.87 12.03 6.03
N TRP G 36 5.29 11.82 7.20
CA TRP G 36 3.88 11.54 7.35
C TRP G 36 3.17 12.78 7.89
N PHE G 37 2.12 13.18 7.21
CA PHE G 37 1.27 14.27 7.64
C PHE G 37 -0.13 13.72 7.81
N ARG G 38 -0.94 14.44 8.57
CA ARG G 38 -2.31 14.02 8.71
C ARG G 38 -3.13 15.28 8.77
N GLN G 39 -4.40 15.15 8.40
CA GLN G 39 -5.32 16.28 8.45
C GLN G 39 -6.63 15.80 9.04
N ALA G 40 -7.03 16.43 10.14
CA ALA G 40 -8.28 16.01 10.75
C ALA G 40 -9.43 16.83 10.18
N PRO G 41 -10.66 16.39 10.38
CA PRO G 41 -11.81 17.10 9.81
C PRO G 41 -11.85 18.54 10.31
N GLY G 42 -11.88 19.48 9.38
CA GLY G 42 -11.98 20.87 9.75
C GLY G 42 -10.73 21.48 10.35
N LYS G 43 -9.64 20.74 10.41
CA LYS G 43 -8.39 21.26 10.91
C LYS G 43 -7.40 21.40 9.76
N GLU G 44 -6.27 22.04 10.05
CA GLU G 44 -5.24 22.25 9.06
C GLU G 44 -4.24 21.10 9.10
N ARG G 45 -3.56 20.89 7.99
CA ARG G 45 -2.71 19.71 7.86
C ARG G 45 -1.50 19.78 8.80
N GLU G 46 -1.26 18.69 9.54
CA GLU G 46 -0.25 18.61 10.58
C GLU G 46 0.83 17.60 10.20
N GLY G 47 2.04 17.87 10.65
CA GLY G 47 3.08 16.87 10.52
C GLY G 47 2.92 15.85 11.63
N VAL G 48 3.22 14.60 11.31
CA VAL G 48 3.10 13.51 12.26
C VAL G 48 4.46 12.94 12.62
N SER G 49 5.24 12.56 11.61
CA SER G 49 6.51 11.90 11.80
C SER G 49 7.28 12.02 10.51
N CYS G 50 8.61 11.90 10.60
CA CYS G 50 9.35 11.63 9.37
C CYS G 50 10.67 10.98 9.71
N ILE G 51 11.30 10.42 8.68
CA ILE G 51 12.50 9.60 8.74
C ILE G 51 13.46 10.04 7.64
N SER G 52 14.74 10.17 7.97
CA SER G 52 15.67 10.67 6.97
C SER G 52 15.98 9.57 5.94
N SER G 53 16.65 9.96 4.86
CA SER G 53 16.93 9.03 3.77
C SER G 53 17.65 7.77 4.24
N SER G 54 18.67 7.91 5.09
CA SER G 54 19.43 6.79 5.64
C SER G 54 18.72 6.06 6.78
N ALA G 55 17.56 6.53 7.23
CA ALA G 55 16.86 6.02 8.41
C ALA G 55 17.64 6.26 9.71
N GLY G 56 18.71 7.04 9.67
CA GLY G 56 19.42 7.29 10.92
C GLY G 56 18.71 8.20 11.89
N SER G 57 17.64 8.87 11.47
CA SER G 57 16.98 9.84 12.34
C SER G 57 15.48 9.81 12.06
N THR G 58 14.71 9.78 13.14
CA THR G 58 13.26 9.80 13.12
C THR G 58 12.77 10.96 13.99
N TYR G 59 11.67 11.59 13.57
CA TYR G 59 11.08 12.67 14.32
C TYR G 59 9.60 12.38 14.51
N TYR G 60 9.05 12.86 15.63
CA TYR G 60 7.65 12.59 15.95
C TYR G 60 7.03 13.82 16.55
N ALA G 61 5.82 14.15 16.09
CA ALA G 61 5.05 15.20 16.76
C ALA G 61 4.87 14.84 18.24
N ASP G 62 4.73 15.88 19.07
CA ASP G 62 4.60 15.63 20.51
C ASP G 62 3.36 14.82 20.85
N SER G 63 2.24 15.10 20.18
CA SER G 63 0.99 14.38 20.44
C SER G 63 1.11 12.87 20.21
N VAL G 64 2.18 12.39 19.58
CA VAL G 64 2.25 11.05 19.05
C VAL G 64 3.48 10.29 19.56
N LYS G 65 4.40 11.01 20.19
CA LYS G 65 5.63 10.40 20.68
C LYS G 65 5.31 9.23 21.60
N GLY G 66 6.03 8.13 21.42
CA GLY G 66 5.85 6.94 22.22
C GLY G 66 4.79 5.98 21.71
N ARG G 67 3.89 6.45 20.86
CA ARG G 67 2.83 5.62 20.31
C ARG G 67 3.07 5.27 18.86
N PHE G 68 3.59 6.21 18.07
CA PHE G 68 3.85 5.93 16.68
C PHE G 68 5.33 5.61 16.49
N THR G 69 5.62 4.82 15.47
CA THR G 69 6.99 4.44 15.13
C THR G 69 7.09 4.46 13.61
N ILE G 70 8.06 5.20 13.10
CA ILE G 70 8.28 5.29 11.65
C ILE G 70 9.45 4.38 11.28
N SER G 71 9.37 3.76 10.12
CA SER G 71 10.41 2.83 9.72
C SER G 71 10.39 2.69 8.21
N ARG G 72 11.48 2.15 7.68
CA ARG G 72 11.56 1.98 6.24
C ARG G 72 12.38 0.75 5.95
N ASP G 73 12.01 0.07 4.87
CA ASP G 73 12.77 -1.06 4.36
C ASP G 73 13.15 -0.68 2.93
N ASN G 74 14.41 -0.26 2.75
CA ASN G 74 14.87 0.18 1.42
C ASN G 74 14.90 -0.97 0.43
N ALA G 75 15.08 -2.20 0.91
CA ALA G 75 15.06 -3.35 0.01
C ALA G 75 13.68 -3.51 -0.62
N LYS G 76 12.62 -3.40 0.19
CA LYS G 76 11.24 -3.49 -0.27
C LYS G 76 10.68 -2.14 -0.72
N ASN G 77 11.49 -1.09 -0.66
CA ASN G 77 11.15 0.24 -1.16
C ASN G 77 9.81 0.75 -0.64
N THR G 78 9.64 0.67 0.69
CA THR G 78 8.38 1.01 1.33
C THR G 78 8.64 1.64 2.70
N VAL G 79 7.85 2.66 3.04
CA VAL G 79 7.90 3.29 4.35
C VAL G 79 6.62 2.98 5.14
N TYR G 80 6.79 2.68 6.43
CA TYR G 80 5.71 2.29 7.32
C TYR G 80 5.53 3.32 8.43
N LEU G 81 4.28 3.51 8.86
CA LEU G 81 3.99 4.23 10.10
C LEU G 81 3.16 3.30 10.98
N GLN G 82 3.78 2.78 12.04
CA GLN G 82 3.10 1.92 13.00
C GLN G 82 2.39 2.81 14.02
N MET G 83 1.06 2.76 14.06
CA MET G 83 0.28 3.62 14.93
C MET G 83 -0.28 2.75 16.04
N ASN G 84 0.28 2.90 17.23
CA ASN G 84 -0.11 2.10 18.39
C ASN G 84 -0.92 2.95 19.36
N SER G 85 -1.64 2.26 20.24
CA SER G 85 -2.36 2.93 21.32
C SER G 85 -3.20 4.08 20.78
N LEU G 86 -4.03 3.80 19.78
CA LEU G 86 -4.71 4.87 19.08
C LEU G 86 -5.75 5.55 19.97
N LYS G 87 -5.93 6.85 19.75
CA LYS G 87 -6.92 7.65 20.46
C LYS G 87 -7.87 8.29 19.45
N PRO G 88 -9.08 8.64 19.87
CA PRO G 88 -10.01 9.30 18.94
C PRO G 88 -9.41 10.51 18.26
N GLU G 89 -8.59 11.29 18.95
CA GLU G 89 -7.96 12.46 18.36
C GLU G 89 -7.00 12.13 17.23
N ASP G 90 -6.69 10.87 16.99
CA ASP G 90 -5.87 10.52 15.84
C ASP G 90 -6.68 10.33 14.57
N THR G 91 -8.00 10.47 14.64
CA THR G 91 -8.81 10.38 13.43
C THR G 91 -8.48 11.54 12.50
N ALA G 92 -8.18 11.20 11.24
CA ALA G 92 -7.74 12.12 10.21
C ALA G 92 -7.47 11.32 8.95
N VAL G 93 -7.25 12.04 7.85
CA VAL G 93 -6.64 11.50 6.63
C VAL G 93 -5.14 11.66 6.73
N TYR G 94 -4.40 10.56 6.51
CA TYR G 94 -2.94 10.57 6.63
C TYR G 94 -2.28 10.61 5.25
N TYR G 95 -1.22 11.41 5.13
CA TYR G 95 -0.56 11.63 3.86
C TYR G 95 0.94 11.46 4.01
N CYS G 96 1.58 10.94 2.98
CA CYS G 96 3.02 10.78 3.03
C CYS G 96 3.63 11.60 1.90
N ALA G 97 4.89 11.98 2.08
CA ALA G 97 5.51 12.85 1.12
C ALA G 97 7.02 12.71 1.25
N THR G 98 7.72 13.10 0.18
CA THR G 98 9.18 13.10 0.22
C THR G 98 9.74 14.33 0.91
N ALA G 99 9.13 14.77 2.00
CA ALA G 99 9.61 15.91 2.75
C ALA G 99 9.04 15.81 4.17
N CYS G 100 9.73 16.41 5.12
CA CYS G 100 9.17 16.61 6.45
C CYS G 100 8.46 17.95 6.53
N TYR G 101 8.73 18.85 5.60
CA TYR G 101 8.21 20.21 5.59
C TYR G 101 7.08 20.30 4.58
N SER G 102 5.84 20.49 5.07
CA SER G 102 4.71 20.48 4.17
C SER G 102 4.94 21.40 2.96
N SER G 103 5.50 22.60 3.19
CA SER G 103 5.67 23.57 2.12
C SER G 103 6.62 23.08 1.01
N TYR G 104 7.43 22.05 1.27
CA TYR G 104 8.26 21.45 0.23
C TYR G 104 7.47 20.52 -0.68
N VAL G 105 6.23 20.18 -0.31
CA VAL G 105 5.44 19.13 -0.96
C VAL G 105 4.72 19.69 -2.16
N THR G 106 4.88 19.06 -3.33
CA THR G 106 4.24 19.54 -4.55
C THR G 106 3.02 18.73 -4.97
N TYR G 107 2.86 17.50 -4.46
CA TYR G 107 1.73 16.61 -4.77
C TYR G 107 1.28 15.89 -3.50
N TRP G 108 -0.02 15.90 -3.24
CA TRP G 108 -0.59 15.14 -2.12
C TRP G 108 -1.40 13.94 -2.60
N GLY G 109 -1.26 12.81 -1.91
CA GLY G 109 -2.12 11.71 -2.34
C GLY G 109 -3.61 12.03 -2.23
N GLN G 110 -4.41 10.98 -2.35
CA GLN G 110 -5.75 11.01 -1.80
C GLN G 110 -5.71 10.78 -0.30
N GLY G 111 -4.60 10.25 0.18
CA GLY G 111 -4.48 9.84 1.55
C GLY G 111 -5.13 8.51 1.82
N THR G 112 -4.99 8.09 3.07
CA THR G 112 -5.65 6.92 3.62
C THR G 112 -6.35 7.39 4.87
N GLN G 113 -7.59 6.94 5.07
CA GLN G 113 -8.42 7.39 6.18
C GLN G 113 -8.22 6.51 7.41
N VAL G 114 -7.92 7.14 8.54
CA VAL G 114 -7.82 6.47 9.83
C VAL G 114 -8.91 7.04 10.72
N THR G 115 -9.80 6.18 11.22
CA THR G 115 -10.83 6.63 12.16
C THR G 115 -10.79 5.76 13.41
N VAL G 116 -10.76 6.42 14.57
CA VAL G 116 -10.70 5.77 15.88
C VAL G 116 -11.96 6.17 16.63
N SER G 117 -12.83 5.19 16.89
CA SER G 117 -14.11 5.46 17.50
C SER G 117 -14.73 4.13 17.94
N SER G 118 -15.66 4.20 18.87
CA SER G 118 -16.41 3.02 19.29
C SER G 118 -17.80 2.97 18.68
N GLY G 119 -17.94 3.48 17.45
CA GLY G 119 -19.20 3.45 16.72
C GLY G 119 -20.25 4.38 17.29
N ARG G 120 -19.84 5.63 17.56
CA ARG G 120 -20.70 6.65 18.18
C ARG G 120 -19.85 7.68 18.92
N GLN H 3 5.73 19.10 -13.01
CA GLN H 3 5.23 19.61 -14.29
C GLN H 3 5.83 20.96 -14.71
N LEU H 4 7.03 21.27 -14.24
CA LEU H 4 7.70 22.46 -14.71
C LEU H 4 8.08 22.30 -16.18
N GLN H 5 8.03 23.39 -16.94
CA GLN H 5 8.34 23.35 -18.36
C GLN H 5 9.48 24.31 -18.68
N GLU H 6 10.56 23.79 -19.23
CA GLU H 6 11.69 24.60 -19.66
C GLU H 6 11.54 25.03 -21.11
N SER H 7 12.06 26.21 -21.42
CA SER H 7 12.03 26.71 -22.79
C SER H 7 13.21 27.65 -22.99
N GLY H 8 13.38 28.07 -24.23
CA GLY H 8 14.49 28.91 -24.58
C GLY H 8 15.72 28.09 -24.91
N GLY H 9 16.72 28.76 -25.40
CA GLY H 9 17.85 27.97 -25.79
C GLY H 9 17.59 27.24 -27.10
N GLY H 10 18.68 26.77 -27.67
CA GLY H 10 18.71 26.23 -29.01
C GLY H 10 20.17 26.40 -29.36
N LEU H 11 20.47 26.77 -30.59
CA LEU H 11 21.85 26.93 -31.02
C LEU H 11 22.31 28.38 -30.83
N VAL H 12 23.56 28.53 -30.40
CA VAL H 12 24.14 29.86 -30.20
C VAL H 12 25.65 29.75 -30.40
N GLN H 13 26.26 30.81 -30.91
CA GLN H 13 27.70 30.80 -31.14
C GLN H 13 28.47 31.10 -29.87
N PRO H 14 29.73 30.65 -29.79
CA PRO H 14 30.52 30.94 -28.59
C PRO H 14 30.60 32.44 -28.36
N GLY H 15 30.32 32.86 -27.13
CA GLY H 15 30.32 34.26 -26.79
C GLY H 15 28.94 34.89 -26.77
N GLY H 16 27.91 34.17 -27.22
CA GLY H 16 26.57 34.69 -27.22
C GLY H 16 25.90 34.48 -25.88
N SER H 17 24.58 34.68 -25.88
CA SER H 17 23.79 34.58 -24.67
C SER H 17 22.38 34.08 -24.99
N LEU H 18 21.73 33.52 -23.97
CA LEU H 18 20.38 32.98 -24.04
C LEU H 18 19.71 33.21 -22.70
N ARG H 19 18.37 33.23 -22.69
CA ARG H 19 17.61 33.22 -21.45
C ARG H 19 16.66 32.03 -21.42
N LEU H 20 16.96 31.06 -20.56
CA LEU H 20 16.07 29.93 -20.28
C LEU H 20 14.93 30.35 -19.36
N SER H 21 13.77 29.71 -19.55
CA SER H 21 12.60 29.95 -18.71
C SER H 21 12.12 28.68 -18.06
N CYS H 22 11.64 28.87 -16.83
CA CYS H 22 10.98 27.82 -16.08
C CYS H 22 9.59 28.33 -15.76
N ALA H 23 8.58 27.58 -16.15
CA ALA H 23 7.22 28.01 -15.92
C ALA H 23 6.44 26.79 -15.53
N ALA H 24 5.26 27.01 -14.94
CA ALA H 24 4.40 25.91 -14.55
C ALA H 24 2.99 26.43 -14.53
N PRO H 25 2.34 26.45 -15.69
CA PRO H 25 1.01 27.03 -15.77
C PRO H 25 0.10 26.44 -14.71
N GLY H 26 -0.60 27.32 -14.00
CA GLY H 26 -1.53 26.87 -12.98
C GLY H 26 -0.91 26.35 -11.70
N PHE H 27 0.41 26.42 -11.54
CA PHE H 27 1.11 25.98 -10.34
C PHE H 27 1.97 27.12 -9.78
N ARG H 28 1.53 27.76 -8.71
CA ARG H 28 2.26 28.93 -8.19
C ARG H 28 3.62 28.52 -7.66
N LEU H 29 4.70 29.00 -8.30
CA LEU H 29 6.05 28.72 -7.83
C LEU H 29 6.57 29.70 -6.80
N ASP H 30 5.79 30.74 -6.47
CA ASP H 30 6.25 31.80 -5.58
C ASP H 30 6.92 31.23 -4.33
N ASN H 31 6.38 30.12 -3.80
CA ASN H 31 6.73 29.61 -2.47
C ASN H 31 7.76 28.47 -2.48
N TYR H 32 8.42 28.22 -3.62
CA TYR H 32 9.36 27.11 -3.74
C TYR H 32 10.76 27.62 -4.07
N VAL H 33 11.77 27.02 -3.43
CA VAL H 33 13.11 27.07 -3.99
C VAL H 33 13.05 26.63 -5.44
N ILE H 34 13.84 27.26 -6.30
CA ILE H 34 13.96 26.86 -7.70
C ILE H 34 15.42 26.71 -8.05
N GLY H 35 15.75 25.63 -8.72
CA GLY H 35 17.12 25.36 -9.11
C GLY H 35 17.21 24.92 -10.55
N TRP H 36 18.29 25.32 -11.20
CA TRP H 36 18.65 24.91 -12.55
C TRP H 36 19.80 23.92 -12.50
N PHE H 37 19.61 22.80 -13.19
CA PHE H 37 20.64 21.79 -13.37
C PHE H 37 20.88 21.64 -14.85
N ARG H 38 22.02 21.06 -15.21
CA ARG H 38 22.31 20.79 -16.61
C ARG H 38 23.00 19.45 -16.69
N GLN H 39 22.84 18.78 -17.83
CA GLN H 39 23.48 17.48 -18.06
C GLN H 39 23.97 17.31 -19.49
N ALA H 40 25.26 16.99 -19.64
CA ALA H 40 25.82 16.71 -20.95
C ALA H 40 25.92 15.20 -21.21
N PRO H 41 26.06 14.80 -22.48
CA PRO H 41 26.24 13.39 -22.80
C PRO H 41 27.52 12.84 -22.19
N GLY H 42 27.38 11.72 -21.48
CA GLY H 42 28.45 10.99 -20.84
C GLY H 42 28.97 11.61 -19.55
N LYS H 43 28.43 12.74 -19.11
CA LYS H 43 28.80 13.35 -17.85
C LYS H 43 27.65 13.23 -16.86
N GLU H 44 27.91 13.56 -15.60
CA GLU H 44 26.84 13.46 -14.61
C GLU H 44 26.11 14.80 -14.48
N ARG H 45 24.87 14.73 -14.00
CA ARG H 45 24.01 15.91 -13.92
C ARG H 45 24.60 16.88 -12.93
N GLU H 46 24.75 18.14 -13.30
CA GLU H 46 25.39 19.07 -12.39
C GLU H 46 24.44 20.21 -12.07
N GLY H 47 24.57 20.74 -10.87
CA GLY H 47 23.83 21.93 -10.50
C GLY H 47 24.49 23.15 -11.11
N VAL H 48 23.66 24.09 -11.54
CA VAL H 48 24.12 25.32 -12.17
C VAL H 48 23.83 26.52 -11.29
N SER H 49 22.58 26.64 -10.85
CA SER H 49 22.19 27.79 -10.06
C SER H 49 20.90 27.47 -9.33
N CYS H 50 20.66 28.20 -8.26
CA CYS H 50 19.30 28.19 -7.76
C CYS H 50 19.06 29.44 -6.94
N ILE H 51 17.78 29.69 -6.69
CA ILE H 51 17.28 30.89 -6.05
C ILE H 51 16.26 30.46 -5.01
N SER H 52 16.33 31.06 -3.84
CA SER H 52 15.49 30.67 -2.72
C SER H 52 14.07 31.23 -2.89
N SER H 53 13.15 30.76 -2.05
CA SER H 53 11.75 31.16 -2.18
C SER H 53 11.60 32.66 -2.10
N SER H 54 12.21 33.29 -1.09
CA SER H 54 12.07 34.75 -0.94
C SER H 54 12.85 35.53 -1.98
N ALA H 55 13.62 34.84 -2.82
CA ALA H 55 14.54 35.44 -3.78
C ALA H 55 15.66 36.21 -3.09
N GLY H 56 15.71 36.15 -1.76
CA GLY H 56 16.76 36.82 -1.01
C GLY H 56 18.13 36.20 -1.18
N SER H 57 18.23 35.04 -1.85
CA SER H 57 19.51 34.35 -1.99
C SER H 57 19.62 33.65 -3.34
N THR H 58 20.77 33.83 -4.00
CA THR H 58 21.09 33.14 -5.24
C THR H 58 22.43 32.44 -5.12
N TYR H 59 22.54 31.25 -5.73
CA TYR H 59 23.75 30.45 -5.72
C TYR H 59 24.15 30.08 -7.13
N TYR H 60 25.45 29.93 -7.34
CA TYR H 60 25.93 29.64 -8.69
C TYR H 60 27.09 28.67 -8.64
N ALA H 61 27.04 27.65 -9.49
CA ALA H 61 28.20 26.81 -9.66
C ALA H 61 29.41 27.66 -10.06
N ASP H 62 30.59 27.22 -9.64
CA ASP H 62 31.81 27.97 -9.92
C ASP H 62 32.07 28.13 -11.42
N SER H 63 31.82 27.07 -12.19
CA SER H 63 32.04 27.11 -13.63
C SER H 63 31.26 28.22 -14.31
N VAL H 64 30.35 28.85 -13.58
CA VAL H 64 29.33 29.75 -14.11
C VAL H 64 29.31 31.12 -13.44
N LYS H 65 29.95 31.31 -12.28
CA LYS H 65 29.94 32.61 -11.61
C LYS H 65 30.42 33.69 -12.56
N GLY H 66 29.74 34.83 -12.52
CA GLY H 66 30.05 35.95 -13.37
C GLY H 66 29.35 35.93 -14.71
N ARG H 67 28.89 34.77 -15.16
CA ARG H 67 28.27 34.67 -16.48
C ARG H 67 26.78 34.40 -16.44
N PHE H 68 26.30 33.58 -15.51
CA PHE H 68 24.87 33.28 -15.47
C PHE H 68 24.18 34.12 -14.42
N THR H 69 22.90 34.38 -14.64
CA THR H 69 22.12 35.13 -13.67
C THR H 69 20.75 34.49 -13.54
N ILE H 70 20.40 34.14 -12.31
CA ILE H 70 19.11 33.52 -12.03
C ILE H 70 18.24 34.58 -11.38
N SER H 71 16.97 34.61 -11.76
CA SER H 71 16.03 35.61 -11.27
C SER H 71 14.63 35.03 -11.42
N ARG H 72 13.67 35.69 -10.78
CA ARG H 72 12.32 35.17 -10.82
C ARG H 72 11.33 36.33 -10.87
N ASP H 73 10.25 36.11 -11.61
CA ASP H 73 9.19 37.07 -11.79
C ASP H 73 7.87 36.43 -11.37
N ASN H 74 7.33 36.85 -10.22
CA ASN H 74 6.06 36.30 -9.76
C ASN H 74 4.87 36.73 -10.62
N ALA H 75 4.93 37.90 -11.26
CA ALA H 75 3.81 38.32 -12.11
C ALA H 75 3.62 37.37 -13.29
N LYS H 76 4.72 36.90 -13.88
CA LYS H 76 4.69 35.93 -14.96
C LYS H 76 4.76 34.49 -14.44
N ASN H 77 4.89 34.30 -13.14
CA ASN H 77 5.03 32.98 -12.55
C ASN H 77 6.10 32.18 -13.28
N THR H 78 7.30 32.78 -13.35
CA THR H 78 8.39 32.25 -14.14
C THR H 78 9.72 32.51 -13.43
N VAL H 79 10.64 31.56 -13.57
CA VAL H 79 12.03 31.76 -13.16
C VAL H 79 12.93 31.75 -14.39
N TYR H 80 13.90 32.66 -14.42
CA TYR H 80 14.78 32.82 -15.58
C TYR H 80 16.22 32.46 -15.22
N LEU H 81 16.92 31.91 -16.21
CA LEU H 81 18.37 31.72 -16.15
C LEU H 81 18.98 32.41 -17.34
N GLN H 82 19.59 33.55 -17.10
CA GLN H 82 20.31 34.32 -18.11
C GLN H 82 21.72 33.77 -18.23
N MET H 83 22.07 33.27 -19.41
CA MET H 83 23.37 32.64 -19.65
C MET H 83 24.19 33.54 -20.60
N ASN H 84 25.23 34.19 -20.06
CA ASN H 84 26.03 35.11 -20.84
C ASN H 84 27.39 34.50 -21.19
N SER H 85 28.04 35.09 -22.18
CA SER H 85 29.40 34.74 -22.55
C SER H 85 29.59 33.22 -22.68
N LEU H 86 28.74 32.60 -23.48
CA LEU H 86 28.68 31.13 -23.50
C LEU H 86 29.93 30.50 -24.10
N LYS H 87 30.27 29.31 -23.60
CA LYS H 87 31.39 28.50 -24.06
C LYS H 87 30.86 27.13 -24.52
N PRO H 88 31.63 26.42 -25.35
CA PRO H 88 31.23 25.05 -25.73
C PRO H 88 30.95 24.14 -24.52
N GLU H 89 31.65 24.35 -23.41
CA GLU H 89 31.46 23.56 -22.20
C GLU H 89 30.09 23.76 -21.60
N ASP H 90 29.33 24.76 -22.06
CA ASP H 90 27.97 24.92 -21.57
C ASP H 90 26.95 24.14 -22.39
N THR H 91 27.37 23.47 -23.46
CA THR H 91 26.45 22.65 -24.24
C THR H 91 25.94 21.51 -23.38
N ALA H 92 24.62 21.41 -23.29
CA ALA H 92 23.97 20.42 -22.46
C ALA H 92 22.47 20.63 -22.51
N VAL H 93 21.73 19.66 -21.98
CA VAL H 93 20.31 19.84 -21.68
C VAL H 93 20.21 20.49 -20.30
N TYR H 94 19.43 21.55 -20.20
CA TYR H 94 19.21 22.26 -18.95
C TYR H 94 17.86 21.89 -18.39
N TYR H 95 17.82 21.73 -17.07
CA TYR H 95 16.63 21.25 -16.38
C TYR H 95 16.32 22.19 -15.23
N CYS H 96 15.04 22.22 -14.88
CA CYS H 96 14.42 23.08 -13.89
C CYS H 96 13.83 22.24 -12.75
N ALA H 97 13.83 22.75 -11.51
CA ALA H 97 13.18 21.96 -10.44
C ALA H 97 12.94 22.80 -9.19
N THR H 98 12.00 22.32 -8.36
CA THR H 98 11.74 22.97 -7.07
C THR H 98 12.70 22.53 -5.98
N ALA H 99 13.98 22.39 -6.30
CA ALA H 99 14.99 22.05 -5.31
C ALA H 99 16.33 22.49 -5.84
N CYS H 100 17.23 22.81 -4.91
CA CYS H 100 18.62 23.03 -5.29
C CYS H 100 19.42 21.73 -5.25
N TYR H 101 18.91 20.70 -4.56
CA TYR H 101 19.60 19.43 -4.36
C TYR H 101 18.98 18.40 -5.28
N SER H 102 19.75 17.92 -6.26
CA SER H 102 19.20 16.98 -7.23
C SER H 102 18.50 15.79 -6.57
N SER H 103 19.03 15.28 -5.46
CA SER H 103 18.41 14.10 -4.87
C SER H 103 16.98 14.34 -4.37
N TYR H 104 16.58 15.58 -4.12
CA TYR H 104 15.21 15.89 -3.73
C TYR H 104 14.24 15.89 -4.91
N VAL H 105 14.74 15.86 -6.14
CA VAL H 105 13.91 16.11 -7.32
C VAL H 105 13.22 14.81 -7.72
N THR H 106 11.90 14.88 -7.91
CA THR H 106 11.10 13.69 -8.24
C THR H 106 10.70 13.61 -9.71
N TYR H 107 10.68 14.72 -10.44
CA TYR H 107 10.38 14.67 -11.86
C TYR H 107 11.31 15.61 -12.61
N TRP H 108 11.97 15.09 -13.64
CA TRP H 108 12.79 15.91 -14.52
C TRP H 108 12.02 16.16 -15.81
N GLY H 109 12.04 17.40 -16.29
CA GLY H 109 11.35 17.67 -17.54
C GLY H 109 11.89 16.89 -18.74
N GLN H 110 11.52 17.34 -19.92
CA GLN H 110 12.33 17.01 -21.08
C GLN H 110 13.60 17.84 -21.06
N GLY H 111 13.57 18.95 -20.33
CA GLY H 111 14.64 19.92 -20.40
C GLY H 111 14.51 20.73 -21.67
N THR H 112 15.40 21.68 -21.82
CA THR H 112 15.52 22.40 -23.08
C THR H 112 16.98 22.39 -23.52
N GLN H 113 17.22 22.08 -24.78
CA GLN H 113 18.58 21.87 -25.22
C GLN H 113 19.28 23.18 -25.57
N VAL H 114 20.50 23.34 -25.05
CA VAL H 114 21.42 24.44 -25.36
C VAL H 114 22.63 23.83 -26.05
N THR H 115 22.99 24.35 -27.22
CA THR H 115 24.16 23.91 -27.97
C THR H 115 25.03 25.12 -28.29
N VAL H 116 26.30 25.07 -27.91
CA VAL H 116 27.24 26.16 -28.16
C VAL H 116 28.44 25.65 -28.95
N SER H 117 28.58 26.09 -30.21
CA SER H 117 29.73 25.74 -31.04
C SER H 117 29.65 26.49 -32.36
N SER H 118 30.81 26.64 -33.01
CA SER H 118 30.91 27.24 -34.35
C SER H 118 31.17 26.16 -35.42
N GLN I 3 14.68 33.23 36.59
CA GLN I 3 14.49 34.22 35.55
C GLN I 3 15.55 34.11 34.42
N LEU I 4 15.89 35.27 33.86
CA LEU I 4 16.94 35.42 32.86
C LEU I 4 17.90 36.52 33.30
N GLN I 5 19.17 36.37 32.98
CA GLN I 5 20.23 37.29 33.40
C GLN I 5 21.14 37.55 32.22
N GLU I 6 21.00 38.73 31.62
CA GLU I 6 21.78 39.10 30.46
C GLU I 6 22.92 40.05 30.85
N SER I 7 24.07 39.86 30.22
CA SER I 7 25.26 40.66 30.49
C SER I 7 26.07 40.74 29.20
N GLY I 8 27.06 41.63 29.20
CA GLY I 8 28.03 41.72 28.14
C GLY I 8 27.89 42.90 27.21
N GLY I 9 26.77 43.61 27.22
CA GLY I 9 26.57 44.75 26.34
C GLY I 9 27.45 45.93 26.73
N GLY I 10 27.30 47.01 25.99
CA GLY I 10 28.06 48.21 26.29
C GLY I 10 28.25 49.06 25.05
N LEU I 11 29.32 49.86 25.09
CA LEU I 11 29.64 50.82 24.05
C LEU I 11 30.81 50.30 23.24
N VAL I 12 30.69 50.34 21.92
CA VAL I 12 31.65 49.69 21.04
C VAL I 12 31.77 50.49 19.74
N GLN I 13 32.93 50.38 19.08
CA GLN I 13 33.18 51.05 17.82
C GLN I 13 32.66 50.24 16.65
N PRO I 14 32.27 50.89 15.55
CA PRO I 14 31.93 50.15 14.33
C PRO I 14 33.08 49.23 13.94
N GLY I 15 32.73 48.00 13.59
CA GLY I 15 33.73 46.99 13.29
C GLY I 15 34.20 46.20 14.50
N GLY I 16 33.74 46.55 15.70
CA GLY I 16 34.19 45.92 16.92
C GLY I 16 33.42 44.65 17.21
N SER I 17 33.65 44.12 18.41
CA SER I 17 33.07 42.86 18.89
C SER I 17 32.51 43.02 20.30
N LEU I 18 31.56 42.15 20.63
CA LEU I 18 31.01 42.07 21.97
C LEU I 18 30.53 40.63 22.13
N ARG I 19 30.58 40.11 23.36
CA ARG I 19 30.01 38.79 23.60
C ARG I 19 28.94 38.88 24.67
N LEU I 20 27.69 38.70 24.28
CA LEU I 20 26.59 38.72 25.22
C LEU I 20 26.39 37.34 25.82
N SER I 21 25.91 37.32 27.06
CA SER I 21 25.65 36.08 27.78
C SER I 21 24.26 36.09 28.40
N CYS I 22 23.70 34.90 28.51
CA CYS I 22 22.35 34.75 29.03
C CYS I 22 22.36 33.53 29.94
N ALA I 23 22.18 33.77 31.24
CA ALA I 23 22.09 32.72 32.22
C ALA I 23 20.61 32.46 32.51
N ALA I 24 20.11 31.30 32.13
CA ALA I 24 18.69 31.01 32.21
C ALA I 24 18.42 29.91 33.22
N SER I 25 17.17 29.79 33.64
CA SER I 25 16.86 28.71 34.56
C SER I 25 16.76 27.40 33.79
N GLY I 26 16.94 26.29 34.50
CA GLY I 26 16.99 24.99 33.85
C GLY I 26 15.68 24.63 33.18
N SER I 27 14.55 25.07 33.74
CA SER I 27 13.27 24.80 33.10
C SER I 27 13.13 25.58 31.80
N ILE I 28 13.53 26.85 31.79
CA ILE I 28 13.47 27.62 30.56
C ILE I 28 14.40 27.05 29.52
N PHE I 29 15.58 26.62 29.94
CA PHE I 29 16.69 26.34 29.02
C PHE I 29 16.79 24.87 28.62
N SER I 30 16.99 23.99 29.58
CA SER I 30 17.45 22.65 29.26
C SER I 30 16.51 21.96 28.27
N ASP I 31 17.06 21.55 27.13
CA ASP I 31 16.42 20.81 26.05
C ASP I 31 15.57 21.69 25.13
N ASN I 32 15.54 23.01 25.32
CA ASN I 32 14.73 23.91 24.51
C ASN I 32 15.59 24.75 23.59
N ASP I 33 15.02 25.13 22.45
CA ASP I 33 15.72 26.05 21.59
C ASP I 33 15.85 27.40 22.28
N MET I 34 17.03 27.98 22.21
CA MET I 34 17.25 29.26 22.83
C MET I 34 17.65 30.24 21.75
N GLY I 35 17.30 31.49 21.95
CA GLY I 35 17.51 32.44 20.89
C GLY I 35 17.79 33.80 21.47
N TRP I 36 18.41 34.62 20.65
CA TRP I 36 18.63 36.02 20.98
C TRP I 36 17.69 36.87 20.14
N TYR I 37 17.19 37.95 20.74
CA TYR I 37 16.32 38.94 20.15
C TYR I 37 16.93 40.33 20.37
N ARG I 38 16.40 41.33 19.67
CA ARG I 38 16.89 42.69 19.93
C ARG I 38 15.80 43.71 19.64
N GLN I 39 15.83 44.81 20.37
CA GLN I 39 14.86 45.89 20.24
C GLN I 39 15.59 47.20 19.94
N PRO I 40 15.60 47.62 18.67
CA PRO I 40 16.25 48.89 18.35
C PRO I 40 15.42 50.06 18.85
N PRO I 41 16.05 51.20 19.12
CA PRO I 41 15.30 52.33 19.68
C PRO I 41 14.12 52.71 18.80
N GLY I 42 12.98 52.96 19.43
CA GLY I 42 11.77 53.35 18.75
C GLY I 42 11.11 52.28 17.92
N LYS I 43 11.62 51.06 17.92
CA LYS I 43 11.07 49.95 17.15
C LYS I 43 10.60 48.82 18.06
N GLN I 44 9.99 47.80 17.43
CA GLN I 44 9.51 46.64 18.15
C GLN I 44 10.59 45.57 18.13
N ARG I 45 10.56 44.71 19.15
CA ARG I 45 11.57 43.69 19.38
C ARG I 45 11.54 42.63 18.27
N GLU I 46 12.72 42.34 17.71
CA GLU I 46 12.84 41.41 16.60
C GLU I 46 13.70 40.22 16.99
N TRP I 47 13.40 39.08 16.38
CA TRP I 47 14.22 37.88 16.51
C TRP I 47 15.52 38.03 15.74
N VAL I 48 16.58 37.40 16.25
CA VAL I 48 17.93 37.58 15.72
C VAL I 48 18.64 36.26 15.44
N ALA I 49 18.59 35.31 16.38
CA ALA I 49 19.25 34.03 16.15
C ALA I 49 18.68 33.00 17.08
N THR I 50 18.85 31.73 16.70
CA THR I 50 18.33 30.58 17.43
C THR I 50 19.37 29.46 17.51
N ILE I 51 19.38 28.74 18.63
CA ILE I 51 20.18 27.53 18.72
C ILE I 51 19.41 26.43 19.44
N THR I 52 19.48 25.21 18.92
CA THR I 52 18.82 24.05 19.50
C THR I 52 19.72 23.36 20.52
N TYR I 53 19.14 22.40 21.26
CA TYR I 53 19.90 21.76 22.32
CA TYR I 53 19.86 21.69 22.31
C TYR I 53 21.09 20.98 21.76
N ASP I 54 21.07 20.59 20.48
CA ASP I 54 22.22 19.95 19.85
C ASP I 54 22.93 20.90 18.87
N HIS I 55 22.81 22.20 19.07
CA HIS I 55 23.73 23.19 18.51
C HIS I 55 23.49 23.44 17.02
N VAL I 56 22.28 23.20 16.53
CA VAL I 56 21.90 23.62 15.20
C VAL I 56 21.53 25.10 15.29
N THR I 57 22.03 25.89 14.35
CA THR I 57 21.85 27.33 14.43
C THR I 57 21.24 27.87 13.17
N TRP I 58 20.57 29.02 13.31
CA TRP I 58 20.14 29.84 12.18
C TRP I 58 20.00 31.28 12.66
N TYR I 59 20.11 32.21 11.71
CA TYR I 59 20.24 33.64 12.01
C TYR I 59 19.37 34.48 11.08
N ALA I 60 18.99 35.64 11.59
CA ALA I 60 18.28 36.62 10.80
C ALA I 60 19.17 37.14 9.69
N ASP I 61 18.55 37.68 8.64
CA ASP I 61 19.30 38.09 7.47
C ASP I 61 20.37 39.13 7.83
N SER I 62 20.00 40.14 8.63
CA SER I 62 20.85 41.31 8.91
C SER I 62 22.11 40.98 9.71
N VAL I 63 22.16 39.86 10.41
CA VAL I 63 23.32 39.50 11.22
C VAL I 63 24.01 38.23 10.74
N LYS I 64 23.42 37.48 9.81
CA LYS I 64 24.01 36.21 9.39
C LYS I 64 25.42 36.44 8.84
N GLY I 65 26.35 35.59 9.28
CA GLY I 65 27.73 35.69 8.87
C GLY I 65 28.59 36.54 9.76
N ARG I 66 27.99 37.39 10.59
CA ARG I 66 28.71 38.26 11.52
C ARG I 66 28.49 37.91 12.99
N PHE I 67 27.30 37.40 13.34
CA PHE I 67 26.98 36.95 14.69
C PHE I 67 27.11 35.44 14.79
N ALA I 68 27.40 34.95 15.99
CA ALA I 68 27.46 33.52 16.26
C ALA I 68 26.85 33.22 17.61
N ILE I 69 25.80 32.36 17.62
CA ILE I 69 25.14 31.95 18.84
C ILE I 69 25.75 30.63 19.32
N SER I 70 25.88 30.46 20.63
CA SER I 70 26.38 29.21 21.19
C SER I 70 25.75 29.01 22.57
N ARG I 71 25.90 27.80 23.09
CA ARG I 71 25.32 27.50 24.39
C ARG I 71 26.21 26.55 25.18
N ASP I 72 26.07 26.64 26.50
CA ASP I 72 26.73 25.75 27.45
C ASP I 72 25.65 24.98 28.20
N ASN I 73 25.36 23.75 27.75
CA ASN I 73 24.29 22.98 28.36
C ASN I 73 24.57 22.66 29.82
N ALA I 74 25.85 22.57 30.20
CA ALA I 74 26.15 22.32 31.60
C ALA I 74 25.83 23.53 32.46
N LYS I 75 25.92 24.73 31.90
CA LYS I 75 25.73 25.98 32.62
C LYS I 75 24.41 26.67 32.30
N ASN I 76 23.51 26.03 31.53
CA ASN I 76 22.21 26.62 31.21
C ASN I 76 22.37 28.05 30.72
N THR I 77 23.40 28.27 29.91
CA THR I 77 23.73 29.60 29.45
C THR I 77 23.83 29.64 27.93
N VAL I 78 23.42 30.77 27.34
CA VAL I 78 23.45 31.02 25.90
C VAL I 78 24.30 32.25 25.64
N TYR I 79 25.08 32.23 24.55
CA TYR I 79 25.99 33.32 24.23
C TYR I 79 25.73 33.83 22.81
N LEU I 80 26.00 35.13 22.62
CA LEU I 80 25.94 35.74 21.29
C LEU I 80 27.22 36.51 21.10
N GLN I 81 28.10 35.96 20.23
CA GLN I 81 29.36 36.61 19.84
C GLN I 81 29.10 37.53 18.64
N MET I 82 29.23 38.83 18.83
CA MET I 82 28.92 39.83 17.82
C MET I 82 30.20 40.37 17.19
N ASN I 83 30.37 40.15 15.89
CA ASN I 83 31.53 40.67 15.18
C ASN I 83 31.13 41.70 14.15
N ASP I 84 32.16 42.35 13.60
CA ASP I 84 32.02 43.38 12.56
C ASP I 84 30.74 44.17 12.84
N LEU I 85 30.65 44.74 14.04
CA LEU I 85 29.44 45.44 14.44
C LEU I 85 29.24 46.75 13.66
N LYS I 86 27.96 47.07 13.44
CA LYS I 86 27.51 48.22 12.66
C LYS I 86 26.59 49.09 13.50
N PRO I 87 26.51 50.38 13.21
CA PRO I 87 25.56 51.23 13.94
C PRO I 87 24.13 50.69 13.91
N GLU I 88 23.69 50.02 12.83
CA GLU I 88 22.33 49.47 12.82
C GLU I 88 22.10 48.51 13.98
N ASP I 89 23.16 47.86 14.46
CA ASP I 89 23.05 46.83 15.50
C ASP I 89 22.75 47.40 16.89
N THR I 90 22.64 48.72 17.05
CA THR I 90 22.35 49.30 18.36
C THR I 90 20.92 48.93 18.77
N ALA I 91 20.80 48.27 19.91
CA ALA I 91 19.50 47.84 20.40
C ALA I 91 19.67 47.33 21.81
N VAL I 92 18.56 46.99 22.44
CA VAL I 92 18.61 46.18 23.63
C VAL I 92 18.51 44.72 23.19
N TYR I 93 19.47 43.91 23.61
CA TYR I 93 19.46 42.50 23.24
C TYR I 93 18.84 41.73 24.39
N TYR I 94 17.96 40.80 24.06
CA TYR I 94 17.30 39.94 25.03
C TYR I 94 17.42 38.50 24.56
N CYS I 95 17.52 37.57 25.50
CA CYS I 95 17.43 36.15 25.19
C CYS I 95 16.14 35.61 25.77
N ASN I 96 15.74 34.45 25.27
CA ASN I 96 14.51 33.80 25.73
C ASN I 96 14.50 32.40 25.14
N ALA I 97 13.50 31.61 25.54
CA ALA I 97 13.24 30.38 24.82
C ALA I 97 12.74 30.73 23.43
N VAL I 98 13.21 30.01 22.43
CA VAL I 98 13.19 30.62 21.11
C VAL I 98 11.99 30.16 20.29
N PRO I 99 11.10 29.34 20.81
CA PRO I 99 9.77 29.28 20.19
C PRO I 99 9.02 30.56 20.51
N GLY I 100 9.74 31.57 21.03
CA GLY I 100 9.14 32.83 21.40
C GLY I 100 8.54 32.80 22.78
N ARG I 101 8.38 33.96 23.39
CA ARG I 101 7.72 34.04 24.68
C ARG I 101 6.91 35.31 24.73
N ARG I 102 5.99 35.43 25.67
CA ARG I 102 5.18 36.64 25.67
C ARG I 102 5.34 37.65 26.75
N GLY I 103 5.31 37.22 27.99
CA GLY I 103 5.46 38.16 29.07
C GLY I 103 6.59 37.66 29.91
N SER I 104 7.48 36.94 29.28
CA SER I 104 8.55 36.30 30.04
C SER I 104 9.94 36.81 29.70
N TRP I 105 10.11 38.14 29.72
CA TRP I 105 11.35 38.76 29.29
C TRP I 105 12.23 39.19 30.47
N GLY I 106 13.51 39.39 30.17
CA GLY I 106 14.45 39.97 31.12
C GLY I 106 14.66 41.44 30.80
N GLN I 107 15.53 42.08 31.56
CA GLN I 107 15.74 43.50 31.31
C GLN I 107 16.55 43.75 30.04
N GLY I 108 17.31 42.77 29.58
CA GLY I 108 18.16 42.91 28.41
C GLY I 108 19.51 43.49 28.77
N THR I 109 20.35 43.61 27.74
CA THR I 109 21.65 44.28 27.89
C THR I 109 21.81 45.21 26.71
N GLN I 110 21.97 46.51 27.00
CA GLN I 110 22.07 47.54 25.99
C GLN I 110 23.39 47.45 25.22
N VAL I 111 23.30 47.56 23.89
CA VAL I 111 24.45 47.57 22.99
C VAL I 111 24.37 48.85 22.19
N THR I 112 25.45 49.63 22.22
CA THR I 112 25.52 50.91 21.51
C THR I 112 26.77 50.90 20.63
N VAL I 113 26.61 51.28 19.36
CA VAL I 113 27.71 51.30 18.42
C VAL I 113 27.80 52.68 17.79
N SER I 114 28.96 53.33 17.89
CA SER I 114 29.17 54.62 17.26
C SER I 114 30.62 55.04 17.43
N SER I 115 30.98 56.14 16.75
CA SER I 115 32.35 56.67 16.77
C SER I 115 32.38 58.16 17.16
N GLN J 3 50.72 24.49 6.96
CA GLN J 3 50.14 25.67 7.57
C GLN J 3 48.88 25.34 8.36
N LEU J 4 48.93 24.21 9.07
CA LEU J 4 47.91 23.87 10.04
C LEU J 4 48.61 23.56 11.36
N GLN J 5 48.03 24.06 12.45
CA GLN J 5 48.67 23.99 13.74
C GLN J 5 47.58 23.70 14.77
N GLU J 6 47.54 22.47 15.27
CA GLU J 6 46.51 22.07 16.22
C GLU J 6 47.06 22.08 17.63
N SER J 7 46.23 22.51 18.58
CA SER J 7 46.61 22.58 19.98
C SER J 7 45.37 22.35 20.84
N GLY J 8 45.61 22.16 22.14
CA GLY J 8 44.53 22.09 23.10
C GLY J 8 44.17 20.70 23.60
N GLY J 9 44.69 19.65 22.98
CA GLY J 9 44.41 18.31 23.43
C GLY J 9 45.08 17.98 24.76
N GLY J 10 44.87 16.75 25.19
CA GLY J 10 45.46 16.25 26.42
C GLY J 10 44.67 15.05 26.95
N LEU J 11 44.85 14.79 28.25
CA LEU J 11 44.31 13.61 28.93
C LEU J 11 43.13 13.99 29.80
N VAL J 12 42.01 13.28 29.66
CA VAL J 12 40.78 13.65 30.34
C VAL J 12 39.97 12.38 30.64
N GLN J 13 39.14 12.44 31.70
CA GLN J 13 38.29 11.38 32.21
C GLN J 13 36.94 11.37 31.47
N PRO J 14 36.26 10.22 31.39
CA PRO J 14 34.93 10.17 30.76
C PRO J 14 33.97 11.19 31.37
N GLY J 15 33.20 11.84 30.50
CA GLY J 15 32.32 12.91 30.93
C GLY J 15 32.96 14.28 30.92
N GLY J 16 34.24 14.38 30.63
CA GLY J 16 34.97 15.63 30.69
C GLY J 16 34.78 16.47 29.44
N SER J 17 35.60 17.53 29.36
CA SER J 17 35.57 18.51 28.29
C SER J 17 36.97 18.80 27.78
N LEU J 18 37.01 19.33 26.56
CA LEU J 18 38.22 19.84 25.93
C LEU J 18 37.82 20.85 24.87
N ARG J 19 38.70 21.81 24.63
CA ARG J 19 38.54 22.74 23.52
C ARG J 19 39.79 22.66 22.65
N LEU J 20 39.64 22.13 21.44
CA LEU J 20 40.73 22.11 20.47
C LEU J 20 40.69 23.41 19.65
N SER J 21 41.87 23.89 19.27
CA SER J 21 42.03 25.06 18.41
C SER J 21 43.06 24.74 17.33
N CYS J 22 42.87 25.36 16.17
CA CYS J 22 43.67 25.10 14.97
C CYS J 22 43.97 26.42 14.27
N ALA J 23 45.24 26.75 14.12
CA ALA J 23 45.64 27.96 13.41
C ALA J 23 45.99 27.61 11.98
N ALA J 24 45.25 28.17 11.03
CA ALA J 24 45.50 27.89 9.62
C ALA J 24 45.91 29.17 8.90
N SER J 25 46.59 29.00 7.77
CA SER J 25 47.00 30.14 6.99
C SER J 25 45.82 30.67 6.19
N GLY J 26 45.93 31.94 5.78
CA GLY J 26 44.79 32.62 5.18
C GLY J 26 44.31 32.01 3.88
N SER J 27 45.23 31.47 3.07
CA SER J 27 44.81 30.85 1.82
C SER J 27 43.98 29.61 2.08
N ILE J 28 44.39 28.78 3.04
CA ILE J 28 43.62 27.59 3.40
C ILE J 28 42.31 27.97 4.07
N PHE J 29 42.32 28.99 4.93
CA PHE J 29 41.18 29.24 5.83
C PHE J 29 40.18 30.23 5.23
N SER J 30 40.64 31.44 4.92
CA SER J 30 39.72 32.53 4.61
C SER J 30 38.81 32.18 3.44
N ASP J 31 37.49 32.27 3.69
CA ASP J 31 36.37 32.10 2.76
C ASP J 31 36.04 30.66 2.48
N ASN J 32 36.73 29.70 3.09
CA ASN J 32 36.51 28.28 2.86
C ASN J 32 35.89 27.65 4.10
N ASP J 33 35.13 26.58 3.85
CA ASP J 33 34.66 25.77 4.96
C ASP J 33 35.84 25.09 5.65
N MET J 34 35.78 25.04 6.99
CA MET J 34 36.79 24.39 7.80
C MET J 34 36.17 23.28 8.61
N GLY J 35 36.94 22.23 8.87
CA GLY J 35 36.39 21.08 9.54
C GLY J 35 37.42 20.39 10.40
N TRP J 36 36.91 19.65 11.36
CA TRP J 36 37.72 18.84 12.23
C TRP J 36 37.64 17.39 11.79
N TYR J 37 38.75 16.70 11.88
CA TYR J 37 38.84 15.27 11.63
C TYR J 37 39.48 14.60 12.84
N ARG J 38 39.40 13.28 12.89
CA ARG J 38 40.04 12.55 13.97
C ARG J 38 40.49 11.20 13.45
N GLN J 39 41.57 10.70 14.04
CA GLN J 39 42.11 9.41 13.63
C GLN J 39 42.13 8.51 14.84
N PRO J 40 41.17 7.59 14.97
CA PRO J 40 41.20 6.67 16.10
C PRO J 40 42.31 5.67 15.93
N PRO J 41 42.84 5.12 17.03
CA PRO J 41 43.95 4.17 16.92
C PRO J 41 43.55 2.99 16.04
N GLY J 42 44.45 2.60 15.16
CA GLY J 42 44.21 1.45 14.30
C GLY J 42 43.15 1.63 13.25
N LYS J 43 42.53 2.81 13.13
CA LYS J 43 41.51 3.13 12.13
C LYS J 43 42.01 4.27 11.26
N GLN J 44 41.23 4.60 10.25
CA GLN J 44 41.57 5.65 9.31
C GLN J 44 40.97 6.99 9.72
N ARG J 45 41.60 8.08 9.27
CA ARG J 45 41.16 9.42 9.66
C ARG J 45 39.82 9.78 9.03
N GLU J 46 38.87 10.16 9.88
CA GLU J 46 37.48 10.34 9.51
C GLU J 46 37.03 11.77 9.77
N TRP J 47 36.08 12.24 8.97
CA TRP J 47 35.51 13.56 9.15
C TRP J 47 34.64 13.63 10.41
N VAL J 48 34.60 14.81 11.03
CA VAL J 48 33.94 14.95 12.31
C VAL J 48 32.91 16.07 12.28
N ALA J 49 33.32 17.27 11.83
CA ALA J 49 32.37 18.39 11.80
C ALA J 49 32.88 19.46 10.83
N THR J 50 31.96 20.32 10.38
CA THR J 50 32.25 21.32 9.37
C THR J 50 31.64 22.66 9.76
N ILE J 51 32.30 23.76 9.38
CA ILE J 51 31.78 25.11 9.54
C ILE J 51 32.06 25.89 8.26
N THR J 52 31.07 26.64 7.81
CA THR J 52 31.23 27.50 6.64
C THR J 52 31.73 28.85 7.09
N TYR J 53 32.19 29.65 6.12
CA TYR J 53 32.65 30.99 6.44
C TYR J 53 31.60 31.83 7.16
N ASP J 54 30.31 31.48 7.05
CA ASP J 54 29.26 32.23 7.73
C ASP J 54 28.60 31.40 8.83
N HIS J 55 29.33 30.44 9.39
CA HIS J 55 29.02 29.82 10.67
C HIS J 55 27.90 28.79 10.60
N VAL J 56 27.64 28.20 9.43
CA VAL J 56 26.74 27.05 9.35
C VAL J 56 27.52 25.80 9.71
N THR J 57 26.94 24.94 10.54
CA THR J 57 27.66 23.79 11.06
C THR J 57 26.91 22.50 10.76
N TRP J 58 27.67 21.42 10.65
CA TRP J 58 27.07 20.09 10.67
C TRP J 58 28.13 19.14 11.21
N TYR J 59 27.66 18.01 11.75
CA TYR J 59 28.50 17.12 12.55
C TYR J 59 28.19 15.68 12.18
N ALA J 60 29.16 14.79 12.39
CA ALA J 60 28.87 13.37 12.26
C ALA J 60 27.94 12.94 13.40
N ASP J 61 27.17 11.88 13.16
CA ASP J 61 26.20 11.50 14.19
C ASP J 61 26.90 11.12 15.50
N SER J 62 28.02 10.38 15.43
CA SER J 62 28.62 9.87 16.65
C SER J 62 29.00 10.99 17.60
N VAL J 63 29.18 12.20 17.07
CA VAL J 63 29.52 13.38 17.86
C VAL J 63 28.44 14.43 17.86
N LYS J 64 27.40 14.33 17.02
CA LYS J 64 26.38 15.38 16.96
C LYS J 64 25.76 15.59 18.31
N GLY J 65 25.60 16.84 18.73
CA GLY J 65 24.96 17.16 19.99
C GLY J 65 25.89 17.24 21.20
N ARG J 66 27.10 16.67 21.11
CA ARG J 66 28.10 16.73 22.17
C ARG J 66 29.26 17.66 21.84
N PHE J 67 29.62 17.78 20.56
CA PHE J 67 30.66 18.67 20.07
C PHE J 67 30.04 19.93 19.50
N ALA J 68 30.80 21.03 19.53
CA ALA J 68 30.39 22.28 18.92
C ALA J 68 31.59 22.91 18.24
N ILE J 69 31.47 23.16 16.94
CA ILE J 69 32.54 23.77 16.17
C ILE J 69 32.28 25.26 16.04
N SER J 70 33.35 26.04 16.01
CA SER J 70 33.29 27.49 15.87
C SER J 70 34.54 27.98 15.15
N ARG J 71 34.50 29.24 14.70
CA ARG J 71 35.68 29.82 14.06
C ARG J 71 35.74 31.31 14.38
N ASP J 72 36.97 31.85 14.38
CA ASP J 72 37.22 33.29 14.57
C ASP J 72 37.75 33.81 13.23
N ASN J 73 36.85 34.43 12.44
CA ASN J 73 37.20 34.88 11.10
C ASN J 73 38.32 35.91 11.13
N ALA J 74 38.46 36.65 12.23
CA ALA J 74 39.53 37.63 12.36
C ALA J 74 40.90 36.97 12.58
N LYS J 75 40.93 35.83 13.26
CA LYS J 75 42.18 35.18 13.62
C LYS J 75 42.49 33.94 12.80
N ASN J 76 41.67 33.59 11.80
CA ASN J 76 41.91 32.41 10.97
C ASN J 76 42.02 31.14 11.82
N THR J 77 41.16 31.02 12.83
CA THR J 77 41.20 29.90 13.76
C THR J 77 39.86 29.16 13.83
N VAL J 78 39.91 27.85 13.99
CA VAL J 78 38.73 27.00 14.13
C VAL J 78 38.84 26.24 15.45
N TYR J 79 37.70 26.05 16.13
CA TYR J 79 37.66 25.45 17.45
C TYR J 79 36.72 24.25 17.49
N LEU J 80 37.02 23.30 18.37
CA LEU J 80 36.14 22.15 18.61
C LEU J 80 35.93 22.01 20.12
N GLN J 81 34.76 22.41 20.60
CA GLN J 81 34.37 22.28 22.00
C GLN J 81 33.74 20.91 22.24
N MET J 82 34.40 20.07 23.02
CA MET J 82 33.99 18.68 23.23
C MET J 82 33.48 18.49 24.66
N ASN J 83 32.21 18.14 24.82
CA ASN J 83 31.64 17.84 26.13
C ASN J 83 31.25 16.37 26.22
N ASP J 84 30.84 15.97 27.42
CA ASP J 84 30.37 14.61 27.71
C ASP J 84 31.18 13.58 26.93
N LEU J 85 32.49 13.64 27.14
CA LEU J 85 33.39 12.78 26.38
C LEU J 85 33.24 11.32 26.77
N LYS J 86 33.46 10.45 25.79
CA LYS J 86 33.32 9.01 25.91
C LYS J 86 34.64 8.34 25.49
N PRO J 87 34.93 7.14 25.99
CA PRO J 87 36.17 6.46 25.57
C PRO J 87 36.31 6.32 24.06
N GLU J 88 35.21 6.16 23.34
CA GLU J 88 35.27 6.07 21.87
C GLU J 88 35.91 7.29 21.23
N ASP J 89 35.88 8.45 21.89
CA ASP J 89 36.43 9.66 21.29
C ASP J 89 37.95 9.69 21.27
N THR J 90 38.64 8.72 21.85
CA THR J 90 40.09 8.76 21.84
C THR J 90 40.61 8.64 20.41
N ALA J 91 41.31 9.69 19.97
CA ALA J 91 41.94 9.70 18.66
C ALA J 91 42.82 10.95 18.59
N VAL J 92 43.56 11.05 17.49
CA VAL J 92 44.28 12.27 17.13
C VAL J 92 43.38 13.13 16.27
N TYR J 93 43.21 14.38 16.66
CA TYR J 93 42.33 15.30 15.94
C TYR J 93 43.14 16.22 15.03
N TYR J 94 42.62 16.44 13.82
CA TYR J 94 43.21 17.34 12.84
C TYR J 94 42.13 18.28 12.30
N CYS J 95 42.52 19.50 11.97
CA CYS J 95 41.63 20.43 11.30
C CYS J 95 42.18 20.71 9.90
N ASN J 96 41.32 21.22 9.02
CA ASN J 96 41.69 21.42 7.62
C ASN J 96 40.55 22.14 6.89
N ALA J 97 40.79 22.46 5.62
CA ALA J 97 39.72 22.90 4.74
C ALA J 97 38.77 21.74 4.47
N VAL J 98 37.47 22.06 4.32
CA VAL J 98 36.43 21.06 4.55
C VAL J 98 36.49 19.85 3.63
N PRO J 99 36.74 19.96 2.33
CA PRO J 99 37.10 18.74 1.57
C PRO J 99 38.47 18.18 1.93
N GLY J 100 39.42 19.02 2.35
CA GLY J 100 40.75 18.56 2.71
C GLY J 100 41.75 18.46 1.59
N ARG J 101 43.00 18.79 1.86
CA ARG J 101 44.03 18.71 0.86
C ARG J 101 44.83 17.45 1.14
N ARG J 102 44.94 16.58 0.13
CA ARG J 102 45.54 15.27 0.33
C ARG J 102 47.03 15.39 0.58
N GLY J 103 47.52 16.58 0.89
CA GLY J 103 48.95 16.74 1.08
C GLY J 103 49.45 17.63 2.20
N SER J 104 48.64 18.57 2.66
CA SER J 104 49.07 19.57 3.66
C SER J 104 48.22 19.47 4.93
N TRP J 105 48.52 18.47 5.76
CA TRP J 105 47.86 18.24 7.05
C TRP J 105 48.74 18.84 8.14
N GLY J 106 48.45 18.53 9.41
CA GLY J 106 49.24 18.99 10.52
C GLY J 106 49.62 17.86 11.47
N GLN J 107 50.30 18.25 12.56
CA GLN J 107 50.78 17.26 13.52
C GLN J 107 49.64 16.63 14.31
N GLY J 108 48.48 17.30 14.39
CA GLY J 108 47.35 16.79 15.15
C GLY J 108 47.42 17.14 16.63
N THR J 109 46.40 16.69 17.36
CA THR J 109 46.39 16.79 18.81
C THR J 109 45.84 15.51 19.41
N GLN J 110 46.61 14.87 20.29
CA GLN J 110 46.16 13.66 20.93
C GLN J 110 45.11 13.97 22.00
N VAL J 111 44.03 13.19 22.01
CA VAL J 111 42.97 13.29 23.00
C VAL J 111 42.74 11.91 23.60
N THR J 112 42.79 11.79 24.93
CA THR J 112 42.62 10.49 25.57
C THR J 112 41.54 10.56 26.64
N VAL J 113 40.66 9.55 26.63
CA VAL J 113 39.57 9.38 27.57
C VAL J 113 39.64 7.98 28.15
N SER J 114 39.69 7.87 29.48
CA SER J 114 39.68 6.57 30.17
C SER J 114 39.56 6.83 31.67
N SER J 115 39.58 5.75 32.45
CA SER J 115 39.43 5.83 33.90
C SER J 115 40.41 4.90 34.62
N LEU K 2 44.03 8.81 -1.56
CA LEU K 2 42.79 9.53 -1.86
C LEU K 2 41.57 8.73 -1.40
N GLU K 3 41.82 7.50 -0.96
CA GLU K 3 40.77 6.69 -0.35
C GLU K 3 40.20 7.40 0.88
N GLU K 4 41.09 7.98 1.70
CA GLU K 4 40.65 8.64 2.93
C GLU K 4 39.62 9.72 2.61
N GLU K 5 39.94 10.56 1.64
CA GLU K 5 39.06 11.64 1.21
C GLU K 5 37.69 11.13 0.79
N LEU K 6 37.61 9.90 0.24
CA LEU K 6 36.32 9.41 -0.27
C LEU K 6 35.34 9.12 0.85
N LYS K 7 35.74 8.31 1.85
CA LYS K 7 34.83 8.06 2.97
C LYS K 7 34.52 9.36 3.70
N GLN K 8 35.45 10.31 3.73
CA GLN K 8 35.18 11.58 4.39
C GLN K 8 34.04 12.33 3.72
N LEU K 9 34.03 12.38 2.39
CA LEU K 9 32.91 13.03 1.71
C LEU K 9 31.60 12.28 1.96
N GLU K 10 31.61 10.95 1.80
CA GLU K 10 30.39 10.20 2.02
C GLU K 10 29.82 10.47 3.42
N GLU K 11 30.63 10.46 4.40
CA GLU K 11 30.21 10.69 5.73
C GLU K 11 29.69 12.05 5.91
N GLU K 12 30.27 13.02 5.30
CA GLU K 12 29.81 14.39 5.46
C GLU K 12 28.54 14.67 4.65
N LEU K 13 28.49 14.16 3.42
CA LEU K 13 27.28 14.32 2.64
C LEU K 13 26.10 13.72 3.39
N GLN K 14 26.30 12.53 3.96
CA GLN K 14 25.25 11.92 4.77
C GLN K 14 24.92 12.81 5.96
N ALA K 15 25.92 13.42 6.58
CA ALA K 15 25.63 14.31 7.70
C ALA K 15 24.84 15.52 7.25
N ILE K 16 25.10 16.02 6.05
CA ILE K 16 24.33 17.17 5.58
C ILE K 16 22.91 16.77 5.29
N GLU K 17 22.72 15.63 4.63
CA GLU K 17 21.36 15.20 4.35
C GLU K 17 20.57 15.03 5.64
N GLU K 18 21.20 14.47 6.66
CA GLU K 18 20.53 14.36 7.95
C GLU K 18 20.18 15.74 8.50
N GLN K 19 21.09 16.71 8.35
CA GLN K 19 20.72 18.02 8.87
C GLN K 19 19.62 18.69 8.07
N LEU K 20 19.56 18.47 6.75
CA LEU K 20 18.42 18.94 5.97
C LEU K 20 17.11 18.38 6.53
N ALA K 21 17.03 17.06 6.72
CA ALA K 21 15.81 16.51 7.31
C ALA K 21 15.51 17.20 8.63
N GLN K 22 16.54 17.34 9.49
CA GLN K 22 16.28 17.91 10.80
C GLN K 22 15.72 19.33 10.71
N LEU K 23 16.27 20.16 9.82
CA LEU K 23 15.77 21.53 9.67
C LEU K 23 14.39 21.57 9.04
N GLN K 24 14.15 20.74 8.02
CA GLN K 24 12.82 20.59 7.47
C GLN K 24 11.81 20.34 8.59
N TRP K 25 12.12 19.41 9.50
CA TRP K 25 11.20 19.14 10.59
C TRP K 25 11.01 20.38 11.43
N LYS K 26 12.10 21.12 11.68
CA LYS K 26 12.00 22.33 12.48
C LYS K 26 11.08 23.36 11.83
N ALA K 27 11.24 23.57 10.52
CA ALA K 27 10.38 24.52 9.80
C ALA K 27 8.91 24.13 9.93
N GLN K 28 8.60 22.85 9.71
CA GLN K 28 7.23 22.39 9.85
C GLN K 28 6.70 22.75 11.23
N ALA K 29 7.53 22.56 12.25
CA ALA K 29 7.10 22.85 13.61
C ALA K 29 6.80 24.34 13.77
N ARG K 30 7.71 25.21 13.28
CA ARG K 30 7.44 26.63 13.41
C ARG K 30 6.26 27.06 12.55
N LYS K 31 6.13 26.51 11.34
CA LYS K 31 4.98 26.82 10.50
C LYS K 31 3.68 26.56 11.24
N GLU K 32 3.58 25.40 11.90
CA GLU K 32 2.40 25.10 12.70
C GLU K 32 2.23 26.09 13.84
N LYS K 33 3.33 26.45 14.52
CA LYS K 33 3.20 27.43 15.59
C LYS K 33 2.66 28.74 15.06
N LEU K 34 3.17 29.17 13.90
CA LEU K 34 2.70 30.41 13.30
C LEU K 34 1.21 30.30 12.92
N ALA K 35 0.79 29.14 12.40
CA ALA K 35 -0.62 28.97 12.05
C ALA K 35 -1.52 29.17 13.25
N GLN K 36 -1.15 28.61 14.41
CA GLN K 36 -1.95 28.79 15.63
C GLN K 36 -2.00 30.26 16.05
N LEU K 37 -0.87 30.98 15.96
CA LEU K 37 -0.91 32.39 16.34
C LEU K 37 -1.80 33.21 15.41
N LYS K 38 -1.68 33.00 14.09
CA LYS K 38 -2.47 33.81 13.15
C LYS K 38 -3.98 33.65 13.41
N GLU K 39 -4.43 32.43 13.68
CA GLU K 39 -5.85 32.22 13.96
C GLU K 39 -6.24 32.77 15.33
N LYS K 40 -5.28 33.02 16.23
CA LYS K 40 -5.67 33.57 17.53
C LYS K 40 -6.26 34.99 17.40
N LEU K 41 -5.91 35.72 16.34
CA LEU K 41 -6.60 36.97 16.00
C LEU K 41 -5.92 37.64 14.82
N LEU L 2 2.01 39.29 21.48
CA LEU L 2 0.91 39.88 20.74
C LEU L 2 1.21 39.87 19.24
N GLU L 3 1.19 41.05 18.65
CA GLU L 3 1.59 41.22 17.27
C GLU L 3 3.05 40.85 17.06
N GLU L 4 3.94 41.34 17.92
CA GLU L 4 5.38 41.10 17.72
C GLU L 4 5.70 39.61 17.73
N GLU L 5 5.08 38.83 18.63
CA GLU L 5 5.34 37.39 18.65
C GLU L 5 5.14 36.79 17.29
N LEU L 6 4.18 37.31 16.53
CA LEU L 6 3.89 36.79 15.21
C LEU L 6 4.98 37.15 14.20
N LYS L 7 5.39 38.43 14.15
CA LYS L 7 6.45 38.79 13.22
C LYS L 7 7.74 38.03 13.56
N GLN L 8 7.97 37.75 14.85
CA GLN L 8 9.15 36.97 15.25
C GLN L 8 9.07 35.55 14.69
N LEU L 9 7.89 34.93 14.72
CA LEU L 9 7.76 33.61 14.10
C LEU L 9 8.00 33.70 12.59
N GLU L 10 7.35 34.65 11.91
CA GLU L 10 7.55 34.79 10.46
C GLU L 10 9.01 35.02 10.12
N GLU L 11 9.65 35.99 10.79
CA GLU L 11 11.04 36.30 10.48
C GLU L 11 11.92 35.07 10.63
N GLU L 12 11.65 34.26 11.64
CA GLU L 12 12.50 33.09 11.87
C GLU L 12 12.21 31.96 10.90
N LEU L 13 10.94 31.72 10.58
CA LEU L 13 10.63 30.70 9.58
C LEU L 13 11.33 31.02 8.26
N GLN L 14 11.31 32.28 7.84
CA GLN L 14 12.04 32.65 6.62
C GLN L 14 13.54 32.38 6.77
N ALA L 15 14.11 32.64 7.95
CA ALA L 15 15.52 32.33 8.13
C ALA L 15 15.77 30.84 8.01
N ILE L 16 14.85 30.02 8.50
CA ILE L 16 15.02 28.56 8.40
C ILE L 16 14.88 28.14 6.95
N GLU L 17 13.89 28.70 6.24
CA GLU L 17 13.73 28.35 4.85
C GLU L 17 14.99 28.69 4.06
N GLU L 18 15.56 29.84 4.38
CA GLU L 18 16.77 30.26 3.69
C GLU L 18 17.94 29.33 3.98
N GLN L 19 18.07 28.84 5.23
CA GLN L 19 19.17 27.93 5.51
C GLN L 19 18.95 26.56 4.85
N LEU L 20 17.70 26.12 4.74
CA LEU L 20 17.42 24.92 3.96
C LEU L 20 17.93 25.06 2.54
N ALA L 21 17.60 26.16 1.86
CA ALA L 21 18.11 26.36 0.50
C ALA L 21 19.64 26.27 0.47
N GLN L 22 20.32 27.00 1.35
CA GLN L 22 21.78 26.98 1.38
C GLN L 22 22.33 25.57 1.61
N LEU L 23 21.70 24.81 2.50
CA LEU L 23 22.15 23.46 2.75
C LEU L 23 21.87 22.55 1.56
N GLN L 24 20.69 22.69 0.95
CA GLN L 24 20.47 22.00 -0.31
C GLN L 24 21.59 22.28 -1.29
N TRP L 25 21.96 23.55 -1.48
CA TRP L 25 23.03 23.85 -2.40
C TRP L 25 24.34 23.23 -1.94
N LYS L 26 24.62 23.30 -0.63
CA LYS L 26 25.84 22.71 -0.13
C LYS L 26 25.87 21.21 -0.41
N ALA L 27 24.75 20.52 -0.14
CA ALA L 27 24.69 19.09 -0.41
C ALA L 27 24.97 18.79 -1.88
N GLN L 28 24.29 19.52 -2.79
CA GLN L 28 24.52 19.33 -4.21
C GLN L 28 25.99 19.50 -4.56
N ALA L 29 26.66 20.47 -3.95
CA ALA L 29 28.08 20.69 -4.23
C ALA L 29 28.92 19.50 -3.80
N ARG L 30 28.67 18.98 -2.59
CA ARG L 30 29.44 17.85 -2.12
C ARG L 30 29.14 16.60 -2.93
N LYS L 31 27.86 16.40 -3.28
CA LYS L 31 27.50 15.28 -4.15
C LYS L 31 28.29 15.32 -5.44
N GLU L 32 28.42 16.51 -6.04
CA GLU L 32 29.20 16.62 -7.27
C GLU L 32 30.66 16.29 -7.04
N LYS L 33 31.25 16.85 -6.00
CA LYS L 33 32.65 16.57 -5.68
C LYS L 33 32.86 15.10 -5.44
N LEU L 34 31.94 14.46 -4.71
CA LEU L 34 32.02 13.03 -4.45
C LEU L 34 31.99 12.22 -5.74
N ALA L 35 31.13 12.61 -6.67
CA ALA L 35 31.04 11.90 -7.94
C ALA L 35 32.35 11.99 -8.70
N GLN L 36 32.95 13.18 -8.74
CA GLN L 36 34.20 13.36 -9.49
C GLN L 36 35.31 12.50 -8.93
N LEU L 37 35.41 12.43 -7.60
CA LEU L 37 36.44 11.61 -6.97
C LEU L 37 36.25 10.14 -7.32
N LYS L 38 35.00 9.68 -7.37
CA LYS L 38 34.75 8.28 -7.66
C LYS L 38 35.35 7.86 -8.99
N GLU L 39 35.13 8.64 -10.05
CA GLU L 39 35.74 8.30 -11.34
C GLU L 39 37.24 8.56 -11.35
N LYS L 40 37.74 9.45 -10.49
CA LYS L 40 39.18 9.70 -10.43
C LYS L 40 39.95 8.47 -9.94
N LEU L 41 39.29 7.57 -9.22
CA LEU L 41 39.88 6.27 -8.89
C LEU L 41 39.55 5.20 -9.93
#